data_5DIR
#
_entry.id   5DIR
#
_cell.length_a   112.480
_cell.length_b   105.880
_cell.length_c   85.390
_cell.angle_alpha   90.000
_cell.angle_beta   96.920
_cell.angle_gamma   90.000
#
_symmetry.space_group_name_H-M   'C 1 2 1'
#
loop_
_entity.id
_entity.type
_entity.pdbx_description
1 polymer 'Lipoprotein signal peptidase'
2 polymer Globomycin
3 non-polymer '(2R)-2,3-dihydroxypropyl (9Z)-octadec-9-enoate'
4 water water
#
loop_
_entity_poly.entity_id
_entity_poly.type
_entity_poly.pdbx_seq_one_letter_code
_entity_poly.pdbx_strand_id
1 'polypeptide(L)'
;GSSHHHHHHSSGLVPRGSHMPDVDRFGRLPWLWITVLVFVLDQVSKAFFQAELSMYQQIVVIPDLFSWTLAYNTGAAFSF
LADSSGWQRWLFALIAIVVSASLVVWLKRLKKGETWLAIALALVLGGALGNLYDRMVLGHVVDFILVHWQNRWYFPAFNL
ADSAITVGAVMLALDMFRSKKSGEAAHG
;
A,B,C,D
2 'polypeptide(L)' (MLE)(IIL)S(ALO)(5BV) E,F,G,H
#
loop_
_chem_comp.id
_chem_comp.type
_chem_comp.name
_chem_comp.formula
5BV non-polymer '(2R,3R)-3-(glycyloxy)-2-methylnonanoic acid' 'C12 H23 N O4'
OLC non-polymer '(2R)-2,3-dihydroxypropyl (9Z)-octadec-9-enoate' 'C21 H40 O4'
#
# COMPACT_ATOMS: atom_id res chain seq x y z
N PRO A 21 43.01 -8.05 38.60
CA PRO A 21 43.04 -6.99 37.59
C PRO A 21 41.66 -6.37 37.38
N ASP A 22 41.55 -5.48 36.39
CA ASP A 22 40.31 -4.76 36.15
C ASP A 22 39.42 -5.54 35.21
N VAL A 23 40.03 -6.43 34.42
CA VAL A 23 39.31 -7.25 33.44
C VAL A 23 38.21 -8.10 34.10
N ASP A 24 38.34 -8.36 35.39
CA ASP A 24 37.44 -9.28 36.07
C ASP A 24 36.29 -8.59 36.81
N ARG A 25 36.38 -7.28 37.01
CA ARG A 25 35.34 -6.58 37.76
C ARG A 25 34.23 -6.07 36.85
N PHE A 26 34.50 -5.91 35.56
CA PHE A 26 33.51 -5.37 34.64
C PHE A 26 32.96 -6.44 33.70
N GLY A 27 33.45 -7.67 33.84
CA GLY A 27 32.91 -8.78 33.09
C GLY A 27 33.10 -8.72 31.59
N ARG A 28 31.99 -8.62 30.86
CA ARG A 28 32.05 -8.58 29.40
C ARG A 28 31.79 -7.17 28.89
N LEU A 29 31.53 -6.25 29.81
CA LEU A 29 31.28 -4.84 29.48
C LEU A 29 32.35 -4.13 28.63
N PRO A 30 33.64 -4.39 28.88
CA PRO A 30 34.61 -3.65 28.05
C PRO A 30 34.58 -3.98 26.55
N TRP A 31 33.83 -5.00 26.14
CA TRP A 31 33.64 -5.25 24.72
C TRP A 31 32.83 -4.13 24.07
N LEU A 32 32.21 -3.29 24.89
CA LEU A 32 31.40 -2.21 24.35
C LEU A 32 32.29 -1.11 23.79
N TRP A 33 33.60 -1.22 24.02
CA TRP A 33 34.52 -0.26 23.45
C TRP A 33 34.61 -0.50 21.96
N ILE A 34 34.32 -1.74 21.55
CA ILE A 34 34.19 -2.04 20.14
C ILE A 34 32.93 -1.37 19.59
N THR A 35 31.85 -1.43 20.35
CA THR A 35 30.61 -0.77 20.00
C THR A 35 30.80 0.75 19.86
N VAL A 36 31.49 1.34 20.83
CA VAL A 36 31.80 2.77 20.77
C VAL A 36 32.67 3.08 19.57
N LEU A 37 33.67 2.24 19.33
CA LEU A 37 34.61 2.44 18.22
C LEU A 37 33.87 2.40 16.88
N VAL A 38 32.94 1.46 16.75
CA VAL A 38 32.09 1.37 15.56
C VAL A 38 31.21 2.61 15.41
N PHE A 39 30.57 3.01 16.50
CA PHE A 39 29.70 4.18 16.50
C PHE A 39 30.45 5.42 16.02
N VAL A 40 31.61 5.67 16.61
CA VAL A 40 32.41 6.85 16.29
C VAL A 40 32.87 6.85 14.83
N LEU A 41 33.46 5.74 14.38
CA LEU A 41 33.90 5.66 12.99
C LEU A 41 32.72 5.84 12.03
N ASP A 42 31.56 5.33 12.42
CA ASP A 42 30.35 5.50 11.63
C ASP A 42 29.93 6.97 11.53
N GLN A 43 30.04 7.68 12.64
CA GLN A 43 29.63 9.08 12.71
C GLN A 43 30.64 10.03 12.06
N VAL A 44 31.93 9.72 12.20
CA VAL A 44 32.96 10.50 11.52
C VAL A 44 32.81 10.33 10.01
N SER A 45 32.57 9.10 9.59
CA SER A 45 32.33 8.77 8.19
C SER A 45 31.22 9.63 7.59
N LYS A 46 30.04 9.54 8.19
CA LYS A 46 28.87 10.26 7.72
C LYS A 46 29.08 11.77 7.74
N ALA A 47 29.66 12.28 8.81
CA ALA A 47 29.93 13.71 8.93
C ALA A 47 30.76 14.21 7.76
N PHE A 48 31.77 13.43 7.40
CA PHE A 48 32.66 13.79 6.31
C PHE A 48 31.91 13.96 5.01
N PHE A 49 31.14 12.95 4.64
CA PHE A 49 30.45 12.96 3.35
C PHE A 49 29.27 13.93 3.35
N GLN A 50 28.72 14.23 4.52
CA GLN A 50 27.75 15.31 4.60
C GLN A 50 28.41 16.64 4.27
N ALA A 51 29.71 16.73 4.58
CA ALA A 51 30.43 17.98 4.43
C ALA A 51 30.99 18.13 3.02
N GLU A 52 31.36 17.00 2.43
CA GLU A 52 32.09 17.02 1.16
C GLU A 52 31.18 16.87 -0.05
N LEU A 53 29.98 16.34 0.15
CA LEU A 53 29.11 16.03 -0.98
C LEU A 53 27.72 16.65 -0.84
N SER A 54 27.08 16.89 -1.98
CA SER A 54 25.67 17.25 -2.01
C SER A 54 24.85 15.99 -2.31
N MET A 55 23.54 16.02 -2.08
CA MET A 55 22.73 14.81 -2.23
C MET A 55 22.84 14.14 -3.60
N TYR A 56 23.05 12.83 -3.55
CA TYR A 56 23.14 11.95 -4.72
C TYR A 56 24.36 12.22 -5.61
N GLN A 57 25.19 13.19 -5.21
CA GLN A 57 26.44 13.42 -5.89
C GLN A 57 27.31 12.21 -5.65
N GLN A 58 28.07 11.78 -6.66
CA GLN A 58 28.88 10.60 -6.47
C GLN A 58 30.33 10.84 -6.88
N ILE A 59 31.24 10.49 -5.98
CA ILE A 59 32.67 10.52 -6.26
C ILE A 59 33.13 9.14 -6.70
N VAL A 60 33.51 9.05 -7.97
CA VAL A 60 33.92 7.79 -8.57
C VAL A 60 35.27 7.29 -8.08
N VAL A 61 35.29 6.08 -7.55
CA VAL A 61 36.53 5.42 -7.15
C VAL A 61 36.91 4.37 -8.19
N ILE A 62 35.95 3.51 -8.53
CA ILE A 62 36.11 2.59 -9.66
C ILE A 62 34.93 2.80 -10.61
N PRO A 63 35.19 3.42 -11.78
CA PRO A 63 34.16 3.89 -12.72
C PRO A 63 33.03 2.89 -12.96
N ASP A 64 33.34 1.62 -13.09
CA ASP A 64 32.33 0.61 -13.35
C ASP A 64 31.70 0.06 -12.07
N LEU A 65 32.44 0.10 -10.96
CA LEU A 65 32.08 -0.73 -9.81
C LEU A 65 31.73 -0.02 -8.50
N PHE A 66 32.47 1.02 -8.15
CA PHE A 66 32.37 1.56 -6.79
C PHE A 66 32.55 3.08 -6.74
N SER A 67 31.66 3.73 -5.98
CA SER A 67 31.70 5.19 -5.82
C SER A 67 31.28 5.61 -4.42
N TRP A 68 31.78 6.76 -3.97
CA TRP A 68 31.24 7.39 -2.78
C TRP A 68 29.99 8.15 -3.19
N THR A 69 29.07 8.35 -2.27
CA THR A 69 27.86 9.09 -2.60
C THR A 69 27.30 9.76 -1.34
N LEU A 70 26.16 10.43 -1.45
CA LEU A 70 25.49 10.98 -0.28
C LEU A 70 23.98 10.78 -0.43
N ALA A 71 23.39 9.97 0.45
CA ALA A 71 21.96 9.69 0.36
C ALA A 71 21.32 9.67 1.74
N TYR A 72 20.11 10.19 1.84
CA TYR A 72 19.36 10.16 3.10
C TYR A 72 18.27 9.11 3.05
N ASN A 73 18.41 8.11 3.92
CA ASN A 73 17.49 6.98 3.94
C ASN A 73 16.36 7.15 4.97
N THR A 74 15.21 7.63 4.50
CA THR A 74 14.05 7.73 5.37
C THR A 74 13.28 6.42 5.34
N GLY A 75 13.86 5.41 4.71
CA GLY A 75 13.30 4.08 4.62
C GLY A 75 12.06 4.01 3.75
N ALA A 76 12.26 4.03 2.44
CA ALA A 76 11.16 3.97 1.48
C ALA A 76 10.93 2.52 1.06
N ALA A 77 11.77 1.63 1.56
CA ALA A 77 11.71 0.21 1.22
C ALA A 77 10.53 -0.44 1.91
N PHE A 78 10.13 0.17 3.02
CA PHE A 78 9.01 -0.34 3.80
C PHE A 78 7.82 0.61 3.73
N SER A 79 7.79 1.43 2.69
CA SER A 79 6.70 2.38 2.46
C SER A 79 5.38 1.68 2.13
N PHE A 80 5.46 0.43 1.66
CA PHE A 80 4.25 -0.33 1.32
C PHE A 80 3.35 -0.63 2.52
N LEU A 81 3.88 -0.46 3.73
CA LEU A 81 3.12 -0.76 4.94
C LEU A 81 2.19 0.34 5.45
N ALA A 82 2.12 1.48 4.76
CA ALA A 82 1.34 2.60 5.30
C ALA A 82 1.08 3.71 4.29
N ASP A 83 -0.10 4.32 4.42
CA ASP A 83 -0.49 5.49 3.63
C ASP A 83 0.15 6.78 4.17
N SER A 84 0.91 6.66 5.25
CA SER A 84 1.67 7.77 5.79
C SER A 84 3.17 7.58 5.58
N SER A 85 3.91 8.67 5.43
CA SER A 85 5.36 8.61 5.45
C SER A 85 5.90 9.31 6.70
N GLY A 86 7.08 8.92 7.14
CA GLY A 86 7.72 9.56 8.28
C GLY A 86 7.73 8.72 9.55
N TRP A 87 7.00 7.61 9.52
CA TRP A 87 6.86 6.74 10.70
C TRP A 87 8.07 5.82 10.85
N GLN A 88 8.77 5.56 9.74
CA GLN A 88 9.96 4.73 9.80
C GLN A 88 10.99 5.34 10.74
N ARG A 89 11.04 6.66 10.78
CA ARG A 89 11.95 7.36 11.67
C ARG A 89 11.79 6.87 13.11
N TRP A 90 10.53 6.67 13.51
CA TRP A 90 10.22 6.39 14.89
C TRP A 90 10.10 4.89 15.16
N LEU A 91 9.44 4.18 14.25
CA LEU A 91 9.30 2.72 14.40
C LEU A 91 10.66 2.02 14.42
N PHE A 92 11.52 2.41 13.51
CA PHE A 92 12.85 1.81 13.38
C PHE A 92 13.77 2.23 14.51
N ALA A 93 13.60 3.47 14.98
CA ALA A 93 14.31 3.92 16.16
C ALA A 93 13.88 3.09 17.35
N LEU A 94 12.58 2.84 17.43
CA LEU A 94 12.01 2.07 18.53
C LEU A 94 12.60 0.66 18.52
N ILE A 95 12.62 0.04 17.34
CA ILE A 95 13.15 -1.31 17.19
C ILE A 95 14.64 -1.33 17.55
N ALA A 96 15.35 -0.28 17.19
CA ALA A 96 16.78 -0.19 17.49
C ALA A 96 16.99 -0.16 19.00
N ILE A 97 16.20 0.68 19.68
CA ILE A 97 16.27 0.81 21.13
C ILE A 97 15.99 -0.52 21.82
N VAL A 98 14.92 -1.18 21.40
CA VAL A 98 14.52 -2.46 21.98
C VAL A 98 15.57 -3.53 21.74
N VAL A 99 16.02 -3.65 20.50
CA VAL A 99 17.01 -4.67 20.15
C VAL A 99 18.35 -4.39 20.82
N SER A 100 18.70 -3.11 20.95
CA SER A 100 19.94 -2.74 21.62
C SER A 100 19.96 -3.20 23.07
N ALA A 101 18.89 -2.92 23.80
CA ALA A 101 18.78 -3.35 25.19
C ALA A 101 18.99 -4.85 25.35
N SER A 102 18.22 -5.64 24.61
CA SER A 102 18.29 -7.10 24.68
C SER A 102 19.68 -7.61 24.27
N LEU A 103 20.32 -6.86 23.38
CA LEU A 103 21.66 -7.22 22.91
C LEU A 103 22.71 -6.98 24.01
N VAL A 104 22.54 -5.91 24.78
CA VAL A 104 23.46 -5.62 25.87
C VAL A 104 23.42 -6.67 26.98
N VAL A 105 22.23 -6.99 27.48
CA VAL A 105 22.09 -8.00 28.53
C VAL A 105 22.70 -9.32 28.07
N TRP A 106 22.50 -9.64 26.78
CA TRP A 106 22.96 -10.91 26.26
C TRP A 106 24.49 -10.87 26.12
N LEU A 107 25.05 -9.66 26.04
CA LEU A 107 26.50 -9.53 26.03
C LEU A 107 27.03 -9.78 27.43
N LYS A 108 26.32 -9.23 28.41
CA LYS A 108 26.69 -9.37 29.80
C LYS A 108 26.67 -10.83 30.27
N ARG A 109 25.67 -11.58 29.83
CA ARG A 109 25.52 -12.97 30.26
C ARG A 109 26.56 -13.91 29.64
N LEU A 110 27.48 -13.37 28.85
CA LEU A 110 28.47 -14.19 28.19
C LEU A 110 29.62 -14.55 29.12
N LYS A 111 30.38 -15.58 28.74
CA LYS A 111 31.55 -16.01 29.48
C LYS A 111 32.83 -15.62 28.76
N LYS A 112 33.92 -15.46 29.50
CA LYS A 112 35.21 -15.25 28.87
C LYS A 112 35.55 -16.48 28.05
N GLY A 113 36.16 -16.27 26.89
CA GLY A 113 36.48 -17.35 25.98
C GLY A 113 35.39 -17.60 24.96
N GLU A 114 34.30 -16.84 25.08
CA GLU A 114 33.28 -16.78 24.04
C GLU A 114 33.50 -15.49 23.24
N THR A 115 34.72 -15.36 22.73
CA THR A 115 35.17 -14.13 22.11
C THR A 115 34.46 -13.85 20.79
N TRP A 116 34.12 -14.91 20.07
CA TRP A 116 33.35 -14.78 18.83
C TRP A 116 32.02 -14.06 19.02
N LEU A 117 31.26 -14.49 20.02
CA LEU A 117 29.95 -13.91 20.24
C LEU A 117 30.03 -12.47 20.73
N ALA A 118 31.02 -12.19 21.58
CA ALA A 118 31.17 -10.85 22.14
C ALA A 118 31.41 -9.83 21.04
N ILE A 119 32.29 -10.17 20.12
CA ILE A 119 32.62 -9.29 19.01
C ILE A 119 31.41 -9.09 18.10
N ALA A 120 30.73 -10.18 17.78
CA ALA A 120 29.57 -10.14 16.88
C ALA A 120 28.47 -9.27 17.47
N LEU A 121 28.28 -9.38 18.79
CA LEU A 121 27.24 -8.60 19.46
C LEU A 121 27.63 -7.13 19.48
N ALA A 122 28.89 -6.87 19.82
CA ALA A 122 29.38 -5.49 19.87
C ALA A 122 29.29 -4.81 18.51
N LEU A 123 29.56 -5.56 17.43
CA LEU A 123 29.46 -5.01 16.08
C LEU A 123 28.04 -4.61 15.76
N VAL A 124 27.09 -5.49 16.05
CA VAL A 124 25.70 -5.20 15.74
C VAL A 124 25.20 -4.03 16.59
N LEU A 125 25.64 -3.98 17.84
CA LEU A 125 25.21 -2.91 18.74
C LEU A 125 25.70 -1.56 18.21
N GLY A 126 26.95 -1.53 17.77
CA GLY A 126 27.54 -0.31 17.25
C GLY A 126 26.81 0.21 16.02
N GLY A 127 26.47 -0.68 15.11
CA GLY A 127 25.71 -0.30 13.94
C GLY A 127 24.30 0.13 14.32
N ALA A 128 23.69 -0.57 15.26
CA ALA A 128 22.34 -0.24 15.70
C ALA A 128 22.29 1.17 16.27
N LEU A 129 23.22 1.48 17.16
CA LEU A 129 23.24 2.80 17.80
C LEU A 129 23.64 3.89 16.81
N GLY A 130 24.48 3.54 15.84
CA GLY A 130 24.93 4.48 14.84
C GLY A 130 23.79 5.03 14.01
N ASN A 131 22.93 4.14 13.54
CA ASN A 131 21.78 4.54 12.75
C ASN A 131 20.65 5.06 13.62
N LEU A 132 20.55 4.56 14.86
CA LEU A 132 19.58 5.06 15.82
C LEU A 132 19.79 6.55 16.07
N TYR A 133 21.04 6.92 16.33
CA TYR A 133 21.40 8.31 16.53
C TYR A 133 20.93 9.15 15.35
N ASP A 134 21.14 8.64 14.13
CA ASP A 134 20.74 9.37 12.94
C ASP A 134 19.24 9.59 12.89
N ARG A 135 18.46 8.54 13.06
CA ARG A 135 17.01 8.65 12.98
C ARG A 135 16.45 9.60 14.03
N MET A 136 17.11 9.70 15.18
CA MET A 136 16.64 10.59 16.24
C MET A 136 17.08 12.04 16.00
N VAL A 137 18.37 12.24 15.80
CA VAL A 137 18.91 13.58 15.66
C VAL A 137 18.57 14.16 14.30
N LEU A 138 18.92 13.42 13.26
CA LEU A 138 18.55 13.78 11.89
C LEU A 138 17.19 13.14 11.67
N GLY A 139 16.57 13.36 10.53
CA GLY A 139 15.29 12.71 10.31
C GLY A 139 15.49 11.39 9.60
N HIS A 140 16.75 11.01 9.40
CA HIS A 140 17.07 9.94 8.45
C HIS A 140 18.45 9.37 8.71
N VAL A 141 18.78 8.32 7.97
CA VAL A 141 20.10 7.71 8.04
C VAL A 141 20.93 8.15 6.84
N VAL A 142 22.20 8.50 7.11
CA VAL A 142 23.11 8.96 6.06
C VAL A 142 23.84 7.79 5.40
N ASP A 143 23.81 7.73 4.08
CA ASP A 143 24.40 6.64 3.33
C ASP A 143 25.40 7.18 2.31
N PHE A 144 26.61 6.60 2.27
CA PHE A 144 27.65 7.09 1.37
C PHE A 144 28.35 6.05 0.51
N ILE A 145 28.17 4.77 0.81
CA ILE A 145 28.83 3.72 0.02
C ILE A 145 27.96 3.18 -1.13
N LEU A 146 28.36 3.48 -2.35
CA LEU A 146 27.57 3.04 -3.51
C LEU A 146 28.32 2.00 -4.35
N VAL A 147 27.94 0.75 -4.19
CA VAL A 147 28.50 -0.34 -4.99
C VAL A 147 27.54 -0.63 -6.16
N HIS A 148 28.09 -0.88 -7.34
CA HIS A 148 27.26 -1.12 -8.51
C HIS A 148 28.02 -1.85 -9.61
N TRP A 149 27.30 -2.23 -10.66
CA TRP A 149 27.94 -2.76 -11.85
C TRP A 149 27.49 -1.94 -13.07
N GLN A 150 28.31 -0.96 -13.41
CA GLN A 150 28.04 -0.05 -14.53
C GLN A 150 26.67 0.57 -14.36
N ASN A 151 25.84 0.48 -15.40
CA ASN A 151 24.45 0.95 -15.28
C ASN A 151 23.47 -0.22 -15.36
N ARG A 152 23.95 -1.42 -15.02
CA ARG A 152 23.11 -2.60 -15.12
C ARG A 152 22.28 -2.77 -13.84
N TRP A 153 22.91 -2.58 -12.69
CA TRP A 153 22.23 -2.67 -11.40
C TRP A 153 22.97 -1.81 -10.36
N TYR A 154 22.22 -1.21 -9.43
CA TYR A 154 22.85 -0.48 -8.34
C TYR A 154 22.42 -1.05 -6.99
N PHE A 155 23.40 -1.38 -6.15
CA PHE A 155 23.14 -1.83 -4.78
C PHE A 155 22.75 -0.62 -3.93
N PRO A 156 21.73 -0.76 -3.07
CA PRO A 156 21.32 0.33 -2.18
C PRO A 156 22.48 0.88 -1.35
N ALA A 157 22.63 2.20 -1.34
CA ALA A 157 23.75 2.83 -0.64
C ALA A 157 23.69 2.52 0.84
N PHE A 158 24.83 2.19 1.43
CA PHE A 158 24.89 1.90 2.86
C PHE A 158 26.04 2.65 3.53
N ASN A 159 26.33 2.29 4.77
CA ASN A 159 27.38 2.97 5.53
C ASN A 159 28.17 1.98 6.39
N LEU A 160 29.01 2.48 7.28
CA LEU A 160 29.78 1.59 8.15
C LEU A 160 28.90 0.90 9.18
N ALA A 161 27.90 1.62 9.69
CA ALA A 161 26.95 1.05 10.66
C ALA A 161 26.30 -0.21 10.11
N ASP A 162 25.84 -0.13 8.87
CA ASP A 162 25.25 -1.29 8.19
C ASP A 162 26.25 -2.43 8.09
N SER A 163 27.50 -2.07 7.77
CA SER A 163 28.57 -3.03 7.62
C SER A 163 28.84 -3.76 8.93
N ALA A 164 28.91 -3.00 10.01
CA ALA A 164 29.10 -3.58 11.34
C ALA A 164 27.95 -4.51 11.68
N ILE A 165 26.72 -4.07 11.41
CA ILE A 165 25.54 -4.89 11.65
C ILE A 165 25.56 -6.17 10.83
N THR A 166 25.82 -6.01 9.54
CA THR A 166 25.84 -7.15 8.61
C THR A 166 26.93 -8.15 8.97
N VAL A 167 28.15 -7.67 9.19
CA VAL A 167 29.26 -8.53 9.59
C VAL A 167 28.94 -9.16 10.95
N GLY A 168 28.42 -8.36 11.86
CA GLY A 168 28.00 -8.87 13.15
C GLY A 168 26.93 -9.94 13.02
N ALA A 169 25.94 -9.68 12.16
CA ALA A 169 24.84 -10.62 11.96
C ALA A 169 25.30 -11.94 11.37
N VAL A 170 26.19 -11.86 10.39
CA VAL A 170 26.73 -13.05 9.74
C VAL A 170 27.57 -13.87 10.73
N MET A 171 28.30 -13.18 11.60
CA MET A 171 29.11 -13.88 12.59
C MET A 171 28.21 -14.67 13.54
N LEU A 172 27.08 -14.09 13.91
CA LEU A 172 26.07 -14.80 14.69
C LEU A 172 25.49 -15.99 13.91
N ALA A 173 25.22 -15.79 12.62
CA ALA A 173 24.60 -16.82 11.80
C ALA A 173 25.50 -18.02 11.55
N LEU A 174 26.81 -17.79 11.58
CA LEU A 174 27.78 -18.85 11.34
C LEU A 174 28.15 -19.51 12.66
N ASP A 175 27.50 -19.07 13.72
CA ASP A 175 27.73 -19.59 15.06
C ASP A 175 26.92 -20.86 15.26
N MET A 176 25.85 -21.03 14.47
CA MET A 176 25.02 -22.23 14.58
C MET A 176 25.64 -23.35 13.74
N PHE A 177 26.88 -23.10 13.32
CA PHE A 177 27.73 -24.09 12.66
C PHE A 177 27.11 -24.65 11.38
N PRO B 21 0.04 -48.32 31.87
CA PRO B 21 -1.05 -47.88 31.00
C PRO B 21 -0.58 -46.98 29.85
N ASP B 22 -1.53 -46.46 29.07
CA ASP B 22 -1.21 -45.70 27.87
C ASP B 22 -1.04 -44.22 28.18
N VAL B 23 -1.60 -43.79 29.31
CA VAL B 23 -1.53 -42.40 29.78
C VAL B 23 -0.08 -41.95 29.95
N ASP B 24 0.83 -42.90 30.15
CA ASP B 24 2.22 -42.59 30.46
C ASP B 24 3.10 -42.60 29.21
N ARG B 25 2.56 -43.12 28.10
CA ARG B 25 3.33 -43.25 26.88
C ARG B 25 3.30 -42.04 25.96
N PHE B 26 2.22 -41.27 26.03
CA PHE B 26 2.03 -40.20 25.06
C PHE B 26 2.15 -38.80 25.65
N GLY B 27 2.41 -38.74 26.95
CA GLY B 27 2.62 -37.46 27.60
C GLY B 27 1.37 -36.61 27.61
N ARG B 28 1.44 -35.47 26.94
CA ARG B 28 0.32 -34.53 26.87
C ARG B 28 -0.34 -34.53 25.49
N LEU B 29 0.23 -35.32 24.58
CA LEU B 29 -0.28 -35.44 23.22
C LEU B 29 -1.78 -35.81 23.10
N PRO B 30 -2.29 -36.70 23.96
CA PRO B 30 -3.72 -36.98 23.74
C PRO B 30 -4.64 -35.76 23.95
N TRP B 31 -4.22 -34.76 24.72
CA TRP B 31 -4.98 -33.49 24.78
C TRP B 31 -5.32 -32.92 23.39
N LEU B 32 -4.65 -33.40 22.35
CA LEU B 32 -4.88 -32.92 21.00
C LEU B 32 -6.17 -33.46 20.42
N TRP B 33 -6.83 -34.35 21.15
CA TRP B 33 -8.14 -34.82 20.70
C TRP B 33 -9.15 -33.69 20.88
N ILE B 34 -8.85 -32.79 21.82
CA ILE B 34 -9.66 -31.58 21.95
C ILE B 34 -9.44 -30.69 20.73
N THR B 35 -8.19 -30.58 20.29
CA THR B 35 -7.85 -29.85 19.08
C THR B 35 -8.57 -30.40 17.86
N VAL B 36 -8.54 -31.73 17.72
CA VAL B 36 -9.24 -32.39 16.63
C VAL B 36 -10.74 -32.16 16.75
N LEU B 37 -11.28 -32.29 17.96
CA LEU B 37 -12.71 -32.12 18.18
C LEU B 37 -13.16 -30.71 17.83
N VAL B 38 -12.35 -29.72 18.21
CA VAL B 38 -12.64 -28.33 17.86
C VAL B 38 -12.60 -28.12 16.34
N PHE B 39 -11.54 -28.62 15.69
CA PHE B 39 -11.36 -28.49 14.25
C PHE B 39 -12.57 -29.03 13.50
N VAL B 40 -12.97 -30.24 13.87
CA VAL B 40 -14.11 -30.91 13.23
C VAL B 40 -15.41 -30.13 13.43
N LEU B 41 -15.72 -29.75 14.67
CA LEU B 41 -16.92 -28.97 14.94
C LEU B 41 -16.93 -27.67 14.18
N ASP B 42 -15.77 -27.07 14.04
CA ASP B 42 -15.64 -25.84 13.29
C ASP B 42 -15.99 -26.06 11.82
N GLN B 43 -15.55 -27.19 11.28
CA GLN B 43 -15.74 -27.46 9.85
C GLN B 43 -17.13 -27.95 9.49
N VAL B 44 -17.78 -28.73 10.37
CA VAL B 44 -19.18 -29.11 10.15
C VAL B 44 -20.05 -27.87 10.17
N SER B 45 -19.76 -26.98 11.12
CA SER B 45 -20.43 -25.70 11.25
C SER B 45 -20.40 -24.92 9.94
N LYS B 46 -19.20 -24.67 9.45
CA LYS B 46 -19.02 -23.92 8.21
C LYS B 46 -19.68 -24.61 7.02
N ALA B 47 -19.49 -25.92 6.92
CA ALA B 47 -20.09 -26.68 5.83
C ALA B 47 -21.60 -26.53 5.84
N PHE B 48 -22.17 -26.56 7.03
CA PHE B 48 -23.62 -26.43 7.19
C PHE B 48 -24.13 -25.09 6.66
N PHE B 49 -23.55 -23.99 7.14
CA PHE B 49 -24.10 -22.70 6.78
C PHE B 49 -23.75 -22.29 5.35
N GLN B 50 -22.68 -22.84 4.80
CA GLN B 50 -22.40 -22.68 3.38
C GLN B 50 -23.47 -23.36 2.55
N ALA B 51 -24.04 -24.43 3.11
CA ALA B 51 -25.02 -25.23 2.39
C ALA B 51 -26.44 -24.71 2.56
N GLU B 52 -26.74 -24.17 3.74
CA GLU B 52 -28.12 -23.80 4.08
C GLU B 52 -28.43 -22.33 3.78
N LEU B 53 -27.38 -21.52 3.66
CA LEU B 53 -27.56 -20.09 3.48
C LEU B 53 -26.82 -19.58 2.25
N SER B 54 -27.32 -18.51 1.65
CA SER B 54 -26.61 -17.83 0.59
C SER B 54 -25.83 -16.66 1.17
N MET B 55 -24.90 -16.12 0.40
CA MET B 55 -24.03 -15.05 0.88
C MET B 55 -24.87 -13.86 1.40
N TYR B 56 -24.50 -13.39 2.58
CA TYR B 56 -25.13 -12.26 3.24
C TYR B 56 -26.57 -12.51 3.70
N GLN B 57 -27.08 -13.72 3.51
CA GLN B 57 -28.40 -14.07 4.03
C GLN B 57 -28.37 -14.09 5.55
N GLN B 58 -29.46 -13.68 6.20
CA GLN B 58 -29.49 -13.65 7.66
C GLN B 58 -30.72 -14.37 8.21
N ILE B 59 -30.49 -15.39 9.03
CA ILE B 59 -31.58 -16.04 9.76
C ILE B 59 -31.61 -15.56 11.21
N VAL B 60 -32.66 -14.80 11.55
CA VAL B 60 -32.80 -14.22 12.87
C VAL B 60 -33.13 -15.27 13.93
N VAL B 61 -32.33 -15.30 15.00
CA VAL B 61 -32.62 -16.17 16.13
C VAL B 61 -33.19 -15.34 17.28
N ILE B 62 -32.48 -14.27 17.63
CA ILE B 62 -32.99 -13.27 18.55
C ILE B 62 -32.91 -11.88 17.91
N PRO B 63 -34.06 -11.30 17.55
CA PRO B 63 -34.20 -10.06 16.78
C PRO B 63 -33.26 -8.93 17.22
N ASP B 64 -33.07 -8.79 18.53
CA ASP B 64 -32.25 -7.70 19.03
C ASP B 64 -30.75 -8.00 18.99
N LEU B 65 -30.38 -9.27 19.15
CA LEU B 65 -29.01 -9.63 19.46
C LEU B 65 -28.26 -10.55 18.50
N PHE B 66 -28.94 -11.59 18.03
CA PHE B 66 -28.23 -12.70 17.41
C PHE B 66 -28.96 -13.34 16.24
N SER B 67 -28.25 -13.53 15.14
CA SER B 67 -28.80 -14.18 13.97
C SER B 67 -27.70 -14.98 13.28
N TRP B 68 -28.08 -16.03 12.56
CA TRP B 68 -27.12 -16.73 11.72
C TRP B 68 -26.94 -15.95 10.43
N THR B 69 -25.79 -16.10 9.81
CA THR B 69 -25.52 -15.47 8.52
C THR B 69 -24.51 -16.30 7.73
N LEU B 70 -24.10 -15.79 6.58
CA LEU B 70 -23.03 -16.40 5.83
C LEU B 70 -22.13 -15.31 5.31
N ALA B 71 -20.90 -15.30 5.79
CA ALA B 71 -19.97 -14.24 5.43
C ALA B 71 -18.57 -14.80 5.19
N TYR B 72 -17.88 -14.24 4.22
CA TYR B 72 -16.49 -14.60 3.94
C TYR B 72 -15.59 -13.47 4.44
N ASN B 73 -14.71 -13.79 5.38
CA ASN B 73 -13.82 -12.82 6.02
C ASN B 73 -14.60 -11.73 6.73
N THR B 74 -15.48 -12.16 7.62
CA THR B 74 -16.29 -11.30 8.49
C THR B 74 -17.28 -10.45 7.68
N GLY B 75 -17.39 -10.74 6.39
CA GLY B 75 -18.31 -10.03 5.50
C GLY B 75 -17.91 -8.61 5.15
N ALA B 76 -16.61 -8.34 5.11
CA ALA B 76 -16.09 -7.01 4.82
C ALA B 76 -15.87 -6.79 3.33
N ALA B 77 -16.82 -6.11 2.69
CA ALA B 77 -16.77 -5.88 1.24
C ALA B 77 -15.78 -4.81 0.79
N PHE B 78 -15.54 -3.80 1.62
CA PHE B 78 -14.62 -2.70 1.29
C PHE B 78 -13.35 -2.68 2.16
N SER B 79 -12.95 -3.84 2.68
CA SER B 79 -11.73 -3.94 3.47
C SER B 79 -10.57 -4.49 2.62
N GLY B 86 -5.75 -13.68 -2.31
CA GLY B 86 -5.11 -12.40 -2.05
C GLY B 86 -3.89 -12.55 -1.18
N TRP B 87 -3.25 -11.44 -0.86
CA TRP B 87 -2.03 -11.47 -0.08
C TRP B 87 -2.27 -11.63 1.43
N GLN B 88 -3.42 -11.17 1.92
CA GLN B 88 -3.78 -11.33 3.34
C GLN B 88 -3.93 -12.82 3.69
N ARG B 89 -4.42 -13.56 2.70
CA ARG B 89 -4.66 -14.99 2.78
C ARG B 89 -3.46 -15.78 3.29
N TRP B 90 -2.27 -15.36 2.88
CA TRP B 90 -1.06 -16.10 3.18
C TRP B 90 -0.39 -15.56 4.44
N LEU B 91 -0.37 -14.24 4.60
CA LEU B 91 0.21 -13.65 5.81
C LEU B 91 -0.47 -14.27 7.01
N PHE B 92 -1.79 -14.39 6.92
CA PHE B 92 -2.59 -14.96 7.99
C PHE B 92 -2.40 -16.48 8.09
N ALA B 93 -2.24 -17.15 6.95
CA ALA B 93 -1.92 -18.58 6.95
C ALA B 93 -0.55 -18.85 7.57
N LEU B 94 0.42 -18.01 7.21
CA LEU B 94 1.79 -18.14 7.70
C LEU B 94 1.88 -18.00 9.22
N ILE B 95 1.27 -16.94 9.75
CA ILE B 95 1.30 -16.69 11.19
C ILE B 95 0.59 -17.83 11.94
N ALA B 96 -0.43 -18.41 11.32
CA ALA B 96 -1.15 -19.52 11.95
C ALA B 96 -0.25 -20.73 12.14
N ILE B 97 0.46 -21.12 11.09
CA ILE B 97 1.37 -22.26 11.13
C ILE B 97 2.46 -22.10 12.19
N VAL B 98 3.08 -20.93 12.23
CA VAL B 98 4.15 -20.66 13.20
C VAL B 98 3.60 -20.74 14.62
N VAL B 99 2.49 -20.08 14.87
CA VAL B 99 1.88 -20.07 16.20
C VAL B 99 1.36 -21.46 16.57
N SER B 100 0.83 -22.19 15.59
CA SER B 100 0.35 -23.54 15.81
C SER B 100 1.49 -24.45 16.30
N ALA B 101 2.61 -24.40 15.58
CA ALA B 101 3.80 -25.16 15.94
C ALA B 101 4.23 -24.89 17.38
N SER B 102 4.38 -23.61 17.71
CA SER B 102 4.81 -23.20 19.03
C SER B 102 3.87 -23.67 20.14
N LEU B 103 2.58 -23.78 19.83
CA LEU B 103 1.61 -24.26 20.82
C LEU B 103 1.74 -25.75 21.06
N VAL B 104 2.03 -26.49 19.99
CA VAL B 104 2.23 -27.93 20.09
C VAL B 104 3.47 -28.24 20.93
N VAL B 105 4.57 -27.58 20.60
CA VAL B 105 5.83 -27.71 21.32
C VAL B 105 5.61 -27.40 22.80
N TRP B 106 4.85 -26.33 23.04
CA TRP B 106 4.59 -25.85 24.40
C TRP B 106 3.58 -26.76 25.09
N LEU B 107 2.79 -27.48 24.30
CA LEU B 107 1.85 -28.43 24.86
C LEU B 107 2.61 -29.66 25.34
N LYS B 108 3.58 -30.10 24.53
CA LYS B 108 4.39 -31.26 24.87
C LYS B 108 5.16 -31.01 26.16
N ARG B 109 5.67 -29.79 26.31
CA ARG B 109 6.51 -29.42 27.45
C ARG B 109 5.72 -29.33 28.77
N LEU B 110 4.43 -29.65 28.73
CA LEU B 110 3.58 -29.56 29.92
C LEU B 110 3.68 -30.77 30.86
N LYS B 111 3.23 -30.58 32.10
CA LYS B 111 3.15 -31.63 33.10
C LYS B 111 1.71 -32.04 33.39
N LYS B 112 1.50 -33.27 33.84
CA LYS B 112 0.18 -33.71 34.31
C LYS B 112 -0.27 -32.92 35.52
N GLY B 113 -1.57 -32.63 35.58
CA GLY B 113 -2.14 -31.84 36.64
C GLY B 113 -2.13 -30.36 36.28
N GLU B 114 -1.59 -30.06 35.11
CA GLU B 114 -1.71 -28.72 34.54
C GLU B 114 -2.83 -28.72 33.52
N THR B 115 -3.99 -29.19 33.95
CA THR B 115 -5.10 -29.47 33.04
C THR B 115 -5.73 -28.20 32.49
N TRP B 116 -5.83 -27.15 33.31
CA TRP B 116 -6.38 -25.88 32.87
C TRP B 116 -5.62 -25.29 31.70
N LEU B 117 -4.30 -25.27 31.82
CA LEU B 117 -3.44 -24.69 30.79
C LEU B 117 -3.48 -25.53 29.51
N ALA B 118 -3.49 -26.86 29.69
CA ALA B 118 -3.54 -27.81 28.58
C ALA B 118 -4.80 -27.66 27.74
N ILE B 119 -5.94 -27.51 28.40
CA ILE B 119 -7.21 -27.35 27.72
C ILE B 119 -7.20 -26.08 26.89
N ALA B 120 -6.70 -25.00 27.49
CA ALA B 120 -6.66 -23.69 26.84
C ALA B 120 -5.83 -23.72 25.58
N LEU B 121 -4.73 -24.45 25.62
CA LEU B 121 -3.84 -24.53 24.47
C LEU B 121 -4.48 -25.30 23.33
N ALA B 122 -5.08 -26.44 23.65
CA ALA B 122 -5.75 -27.27 22.66
C ALA B 122 -6.87 -26.49 21.97
N LEU B 123 -7.58 -25.65 22.71
CA LEU B 123 -8.63 -24.84 22.14
C LEU B 123 -8.11 -23.87 21.09
N VAL B 124 -7.04 -23.15 21.44
CA VAL B 124 -6.49 -22.14 20.55
C VAL B 124 -5.93 -22.80 19.29
N LEU B 125 -5.33 -23.96 19.48
CA LEU B 125 -4.74 -24.72 18.39
C LEU B 125 -5.83 -25.21 17.43
N GLY B 126 -6.93 -25.70 18.01
CA GLY B 126 -8.05 -26.18 17.24
C GLY B 126 -8.67 -25.07 16.41
N GLY B 127 -8.85 -23.91 17.03
CA GLY B 127 -9.36 -22.74 16.34
C GLY B 127 -8.42 -22.22 15.27
N ALA B 128 -7.13 -22.21 15.58
CA ALA B 128 -6.11 -21.75 14.64
C ALA B 128 -6.11 -22.57 13.35
N LEU B 129 -6.12 -23.89 13.49
CA LEU B 129 -6.09 -24.79 12.34
C LEU B 129 -7.41 -24.77 11.60
N GLY B 130 -8.50 -24.50 12.31
CA GLY B 130 -9.82 -24.44 11.71
C GLY B 130 -9.91 -23.37 10.64
N ASN B 131 -9.39 -22.19 10.95
CA ASN B 131 -9.35 -21.10 9.98
C ASN B 131 -8.19 -21.22 8.99
N LEU B 132 -7.08 -21.81 9.43
CA LEU B 132 -5.93 -22.06 8.57
C LEU B 132 -6.36 -22.93 7.40
N TYR B 133 -7.08 -24.01 7.70
CA TYR B 133 -7.61 -24.87 6.67
C TYR B 133 -8.43 -24.05 5.67
N ASP B 134 -9.26 -23.14 6.18
CA ASP B 134 -10.08 -22.30 5.29
C ASP B 134 -9.26 -21.36 4.42
N ARG B 135 -8.34 -20.63 5.02
CA ARG B 135 -7.55 -19.67 4.26
C ARG B 135 -6.72 -20.35 3.16
N MET B 136 -6.31 -21.60 3.39
CA MET B 136 -5.54 -22.33 2.40
C MET B 136 -6.42 -23.00 1.34
N VAL B 137 -7.41 -23.77 1.77
CA VAL B 137 -8.24 -24.55 0.85
C VAL B 137 -9.20 -23.63 0.10
N LEU B 138 -9.96 -22.85 0.86
CA LEU B 138 -10.81 -21.81 0.28
C LEU B 138 -9.92 -20.57 0.23
N GLY B 139 -10.44 -19.45 -0.23
CA GLY B 139 -9.63 -18.25 -0.28
C GLY B 139 -9.84 -17.35 0.92
N HIS B 140 -10.62 -17.84 1.87
CA HIS B 140 -11.17 -17.00 2.91
C HIS B 140 -11.68 -17.81 4.11
N VAL B 141 -12.08 -17.11 5.16
CA VAL B 141 -12.63 -17.74 6.35
C VAL B 141 -14.15 -17.67 6.33
N VAL B 142 -14.81 -18.78 6.66
CA VAL B 142 -16.26 -18.81 6.68
C VAL B 142 -16.79 -18.39 8.03
N ASP B 143 -17.69 -17.42 8.02
CA ASP B 143 -18.23 -16.83 9.24
C ASP B 143 -19.76 -16.87 9.20
N PHE B 144 -20.37 -17.37 10.26
CA PHE B 144 -21.82 -17.53 10.29
C PHE B 144 -22.54 -16.97 11.53
N ILE B 145 -21.81 -16.64 12.59
CA ILE B 145 -22.42 -16.12 13.82
C ILE B 145 -22.49 -14.60 13.81
N LEU B 146 -23.69 -14.04 13.73
CA LEU B 146 -23.84 -12.59 13.65
C LEU B 146 -24.45 -11.96 14.91
N VAL B 147 -23.61 -11.37 15.73
CA VAL B 147 -24.03 -10.67 16.94
C VAL B 147 -24.14 -9.19 16.67
N HIS B 148 -25.18 -8.57 17.20
CA HIS B 148 -25.45 -7.17 16.94
C HIS B 148 -26.35 -6.60 18.02
N TRP B 149 -26.58 -5.29 17.95
CA TRP B 149 -27.62 -4.67 18.75
C TRP B 149 -28.55 -3.89 17.83
N GLN B 150 -29.65 -4.53 17.44
CA GLN B 150 -30.64 -3.90 16.56
C GLN B 150 -29.97 -3.38 15.29
N ASN B 151 -30.20 -2.11 14.96
CA ASN B 151 -29.53 -1.52 13.81
C ASN B 151 -28.51 -0.45 14.19
N ARG B 152 -28.03 -0.50 15.42
CA ARG B 152 -27.05 0.47 15.91
C ARG B 152 -25.62 0.05 15.62
N TRP B 153 -25.31 -1.22 15.87
CA TRP B 153 -23.98 -1.76 15.61
C TRP B 153 -24.00 -3.26 15.38
N TYR B 154 -23.13 -3.72 14.50
CA TYR B 154 -22.95 -5.15 14.28
C TYR B 154 -21.51 -5.54 14.52
N PHE B 155 -21.32 -6.55 15.36
CA PHE B 155 -20.01 -7.15 15.56
C PHE B 155 -19.68 -7.97 14.31
N PRO B 156 -18.42 -7.91 13.86
CA PRO B 156 -18.00 -8.71 12.69
C PRO B 156 -18.37 -10.19 12.85
N ALA B 157 -18.98 -10.78 11.82
CA ALA B 157 -19.43 -12.17 11.91
C ALA B 157 -18.24 -13.07 12.19
N PHE B 158 -18.43 -14.04 13.07
CA PHE B 158 -17.38 -14.97 13.42
C PHE B 158 -17.87 -16.42 13.38
N ASN B 159 -17.03 -17.33 13.88
CA ASN B 159 -17.36 -18.76 13.87
C ASN B 159 -16.89 -19.48 15.13
N LEU B 160 -16.96 -20.80 15.10
CA LEU B 160 -16.57 -21.61 16.25
C LEU B 160 -15.06 -21.58 16.48
N ALA B 161 -14.28 -21.58 15.41
CA ALA B 161 -12.82 -21.47 15.48
C ALA B 161 -12.40 -20.21 16.23
N ASP B 162 -13.03 -19.09 15.86
CA ASP B 162 -12.80 -17.81 16.51
C ASP B 162 -13.14 -17.92 17.98
N SER B 163 -14.26 -18.60 18.26
CA SER B 163 -14.73 -18.80 19.61
C SER B 163 -13.73 -19.62 20.43
N ALA B 164 -13.23 -20.71 19.85
CA ALA B 164 -12.22 -21.56 20.50
C ALA B 164 -10.92 -20.81 20.78
N ILE B 165 -10.45 -20.04 19.79
CA ILE B 165 -9.25 -19.20 19.93
C ILE B 165 -9.41 -18.16 21.03
N THR B 166 -10.54 -17.46 21.03
CA THR B 166 -10.82 -16.42 22.01
C THR B 166 -10.97 -16.96 23.44
N VAL B 167 -11.77 -18.00 23.60
CA VAL B 167 -11.98 -18.60 24.91
C VAL B 167 -10.69 -19.18 25.49
N GLY B 168 -9.94 -19.88 24.66
CA GLY B 168 -8.67 -20.42 25.08
C GLY B 168 -7.74 -19.30 25.55
N ALA B 169 -7.68 -18.22 24.78
CA ALA B 169 -6.79 -17.11 25.07
C ALA B 169 -7.09 -16.45 26.42
N VAL B 170 -8.36 -16.27 26.73
CA VAL B 170 -8.73 -15.67 28.01
C VAL B 170 -8.31 -16.61 29.13
N MET B 171 -8.39 -17.92 28.87
CA MET B 171 -7.96 -18.91 29.86
C MET B 171 -6.47 -18.79 30.14
N LEU B 172 -5.67 -18.54 29.10
CA LEU B 172 -4.24 -18.28 29.27
C LEU B 172 -3.99 -17.05 30.13
N ALA B 173 -4.78 -16.01 29.90
CA ALA B 173 -4.64 -14.75 30.61
C ALA B 173 -4.99 -14.90 32.08
N LEU B 174 -5.82 -15.88 32.38
CA LEU B 174 -6.28 -16.11 33.74
C LEU B 174 -5.33 -17.02 34.50
N ASP B 175 -4.25 -17.42 33.84
CA ASP B 175 -3.26 -18.29 34.47
C ASP B 175 -2.23 -17.47 35.28
N PRO C 30 -7.06 35.38 -22.98
CA PRO C 30 -8.11 36.33 -22.59
C PRO C 30 -9.01 35.77 -21.50
N TRP C 31 -9.55 36.63 -20.63
CA TRP C 31 -10.55 36.23 -19.65
C TRP C 31 -9.97 35.30 -18.56
N LEU C 32 -8.71 34.92 -18.71
CA LEU C 32 -8.00 34.03 -17.79
C LEU C 32 -7.64 34.70 -16.46
N TRP C 33 -8.21 35.88 -16.20
CA TRP C 33 -7.94 36.62 -14.97
C TRP C 33 -8.37 35.86 -13.72
N ILE C 34 -9.31 34.93 -13.88
CA ILE C 34 -9.69 34.07 -12.78
C ILE C 34 -8.55 33.13 -12.39
N THR C 35 -7.87 32.56 -13.38
CA THR C 35 -6.73 31.69 -13.14
C THR C 35 -5.60 32.41 -12.40
N VAL C 36 -5.29 33.63 -12.82
CA VAL C 36 -4.24 34.39 -12.16
C VAL C 36 -4.62 34.67 -10.71
N LEU C 37 -5.87 35.07 -10.50
CA LEU C 37 -6.35 35.39 -9.15
C LEU C 37 -6.33 34.18 -8.24
N VAL C 38 -6.75 33.03 -8.74
CA VAL C 38 -6.70 31.82 -7.96
C VAL C 38 -5.27 31.48 -7.58
N PHE C 39 -4.37 31.54 -8.55
CA PHE C 39 -2.97 31.24 -8.32
C PHE C 39 -2.35 32.11 -7.22
N VAL C 40 -2.49 33.43 -7.38
CA VAL C 40 -1.89 34.36 -6.43
C VAL C 40 -2.51 34.24 -5.04
N LEU C 41 -3.84 34.23 -4.96
CA LEU C 41 -4.51 34.07 -3.68
C LEU C 41 -4.10 32.76 -3.03
N ASP C 42 -3.87 31.74 -3.85
CA ASP C 42 -3.40 30.47 -3.35
C ASP C 42 -2.02 30.61 -2.72
N GLN C 43 -1.17 31.39 -3.34
CA GLN C 43 0.20 31.55 -2.88
C GLN C 43 0.31 32.51 -1.70
N VAL C 44 -0.55 33.52 -1.67
CA VAL C 44 -0.64 34.44 -0.55
C VAL C 44 -1.10 33.69 0.69
N SER C 45 -2.09 32.82 0.51
CA SER C 45 -2.60 31.94 1.56
C SER C 45 -1.48 31.14 2.22
N LYS C 46 -0.78 30.37 1.40
CA LYS C 46 0.27 29.49 1.85
C LYS C 46 1.39 30.25 2.56
N ALA C 47 1.82 31.36 1.97
CA ALA C 47 2.89 32.17 2.55
C ALA C 47 2.52 32.61 3.97
N PHE C 48 1.26 33.01 4.14
CA PHE C 48 0.78 33.48 5.43
C PHE C 48 0.93 32.40 6.48
N PHE C 49 0.40 31.21 6.19
CA PHE C 49 0.43 30.12 7.15
C PHE C 49 1.83 29.52 7.27
N GLN C 50 2.67 29.71 6.24
CA GLN C 50 4.07 29.34 6.33
C GLN C 50 4.75 30.17 7.42
N ALA C 51 4.26 31.39 7.60
CA ALA C 51 4.86 32.36 8.52
C ALA C 51 4.29 32.25 9.94
N GLU C 52 3.02 31.89 10.02
CA GLU C 52 2.29 31.96 11.27
C GLU C 52 2.27 30.64 12.05
N LEU C 53 2.60 29.53 11.38
CA LEU C 53 2.45 28.21 12.00
C LEU C 53 3.70 27.33 11.99
N SER C 54 3.76 26.40 12.96
CA SER C 54 4.76 25.35 12.98
C SER C 54 4.19 24.08 12.36
N MET C 55 5.05 23.13 11.99
CA MET C 55 4.58 21.91 11.31
C MET C 55 3.55 21.18 12.17
N TYR C 56 2.40 20.87 11.57
CA TYR C 56 1.32 20.12 12.21
C TYR C 56 0.72 20.89 13.40
N GLN C 57 1.18 22.12 13.61
CA GLN C 57 0.58 22.98 14.61
C GLN C 57 -0.83 23.26 14.16
N GLN C 58 -1.75 23.35 15.10
CA GLN C 58 -3.14 23.50 14.75
C GLN C 58 -3.76 24.70 15.45
N ILE C 59 -4.29 25.63 14.66
CA ILE C 59 -5.07 26.72 15.23
C ILE C 59 -6.55 26.39 15.12
N VAL C 60 -7.14 26.12 16.28
CA VAL C 60 -8.51 25.70 16.36
C VAL C 60 -9.46 26.84 16.01
N VAL C 61 -10.31 26.60 15.01
CA VAL C 61 -11.34 27.57 14.65
C VAL C 61 -12.70 27.07 15.16
N ILE C 62 -13.02 25.82 14.82
CA ILE C 62 -14.17 25.13 15.38
C ILE C 62 -13.62 23.83 15.96
N PRO C 63 -13.57 23.72 17.30
CA PRO C 63 -12.84 22.67 18.03
C PRO C 63 -12.99 21.25 17.49
N ASP C 64 -14.22 20.84 17.21
CA ASP C 64 -14.47 19.49 16.71
C ASP C 64 -14.44 19.37 15.19
N LEU C 65 -14.62 20.46 14.47
CA LEU C 65 -14.91 20.36 13.04
C LEU C 65 -13.82 20.95 12.12
N PHE C 66 -13.27 22.10 12.47
CA PHE C 66 -12.41 22.82 11.54
C PHE C 66 -11.25 23.55 12.20
N SER C 67 -10.06 23.38 11.63
CA SER C 67 -8.86 24.01 12.16
C SER C 67 -7.87 24.40 11.07
N TRP C 68 -7.10 25.45 11.32
CA TRP C 68 -5.96 25.75 10.46
C TRP C 68 -4.82 24.88 10.90
N THR C 69 -3.93 24.57 9.96
CA THR C 69 -2.77 23.77 10.28
C THR C 69 -1.66 24.13 9.32
N LEU C 70 -0.53 23.45 9.41
CA LEU C 70 0.53 23.62 8.44
C LEU C 70 1.11 22.25 8.16
N ALA C 71 0.96 21.80 6.91
CA ALA C 71 1.40 20.48 6.53
C ALA C 71 2.07 20.51 5.18
N TYR C 72 3.13 19.72 5.03
CA TYR C 72 3.80 19.60 3.74
C TYR C 72 3.44 18.26 3.13
N ASN C 73 2.77 18.32 1.99
CA ASN C 73 2.28 17.14 1.30
C ASN C 73 3.23 16.71 0.17
N THR C 74 4.11 15.75 0.49
CA THR C 74 5.01 15.18 -0.50
C THR C 74 4.37 13.98 -1.21
N GLY C 75 3.09 13.80 -0.99
CA GLY C 75 2.32 12.72 -1.59
C GLY C 75 2.78 11.41 -0.97
N ALA C 76 2.43 11.22 0.29
CA ALA C 76 2.85 10.04 1.03
C ALA C 76 1.79 8.97 0.87
N ALA C 77 0.63 9.38 0.40
CA ALA C 77 -0.49 8.46 0.26
C ALA C 77 -0.25 7.53 -0.92
N PHE C 78 0.71 7.87 -1.77
CA PHE C 78 1.06 7.01 -2.89
C PHE C 78 2.48 6.47 -2.73
N SER C 79 2.99 6.46 -1.50
CA SER C 79 4.36 5.98 -1.26
C SER C 79 4.46 4.47 -1.32
N PHE C 80 3.34 3.79 -1.11
CA PHE C 80 3.32 2.34 -1.15
C PHE C 80 3.62 1.79 -2.55
N LEU C 81 3.54 2.65 -3.56
CA LEU C 81 3.80 2.22 -4.94
C LEU C 81 5.27 2.16 -5.35
N ALA C 82 6.18 2.48 -4.44
CA ALA C 82 7.59 2.56 -4.81
C ALA C 82 8.56 2.36 -3.64
N ASP C 83 9.61 1.60 -3.89
CA ASP C 83 10.71 1.41 -2.93
C ASP C 83 11.63 2.64 -2.93
N SER C 84 11.31 3.58 -3.81
CA SER C 84 12.02 4.85 -3.90
C SER C 84 11.13 5.97 -3.34
N SER C 85 11.73 6.93 -2.65
CA SER C 85 10.99 8.10 -2.21
C SER C 85 11.40 9.35 -3.00
N GLY C 86 10.49 10.32 -3.08
CA GLY C 86 10.78 11.57 -3.75
C GLY C 86 10.32 11.64 -5.20
N TRP C 87 9.69 10.59 -5.69
CA TRP C 87 9.28 10.55 -7.09
C TRP C 87 7.98 11.31 -7.32
N GLN C 88 7.17 11.40 -6.27
CA GLN C 88 5.87 12.08 -6.36
C GLN C 88 6.01 13.55 -6.76
N ARG C 89 7.08 14.19 -6.31
CA ARG C 89 7.33 15.57 -6.62
C ARG C 89 7.33 15.86 -8.12
N TRP C 90 7.88 14.95 -8.89
CA TRP C 90 8.08 15.21 -10.31
C TRP C 90 6.95 14.68 -11.17
N LEU C 91 6.51 13.45 -10.86
CA LEU C 91 5.42 12.84 -11.61
C LEU C 91 4.14 13.68 -11.58
N PHE C 92 3.80 14.18 -10.39
CA PHE C 92 2.61 15.00 -10.19
C PHE C 92 2.81 16.40 -10.78
N ALA C 93 4.04 16.89 -10.72
CA ALA C 93 4.40 18.14 -11.38
C ALA C 93 4.24 17.94 -12.89
N LEU C 94 4.71 16.79 -13.37
CA LEU C 94 4.60 16.44 -14.78
C LEU C 94 3.15 16.37 -15.21
N ILE C 95 2.33 15.70 -14.40
CA ILE C 95 0.91 15.56 -14.70
C ILE C 95 0.26 16.92 -14.74
N ALA C 96 0.69 17.81 -13.84
CA ALA C 96 0.16 19.17 -13.78
C ALA C 96 0.49 19.93 -15.06
N ILE C 97 1.75 19.86 -15.49
CA ILE C 97 2.21 20.54 -16.70
C ILE C 97 1.42 20.10 -17.94
N VAL C 98 1.30 18.78 -18.12
CA VAL C 98 0.59 18.25 -19.28
C VAL C 98 -0.87 18.65 -19.25
N VAL C 99 -1.52 18.46 -18.09
CA VAL C 99 -2.94 18.77 -17.95
C VAL C 99 -3.22 20.28 -18.07
N SER C 100 -2.32 21.10 -17.52
CA SER C 100 -2.44 22.55 -17.62
C SER C 100 -2.39 22.99 -19.08
N ALA C 101 -1.39 22.49 -19.81
CA ALA C 101 -1.25 22.77 -21.23
C ALA C 101 -2.53 22.40 -21.95
N SER C 102 -2.98 21.17 -21.75
CA SER C 102 -4.18 20.64 -22.38
C SER C 102 -5.43 21.46 -22.00
N LEU C 103 -5.43 22.01 -20.79
CA LEU C 103 -6.53 22.84 -20.32
C LEU C 103 -6.54 24.20 -21.01
N VAL C 104 -5.35 24.73 -21.28
CA VAL C 104 -5.23 26.00 -21.99
C VAL C 104 -5.76 25.86 -23.40
N VAL C 105 -5.35 24.79 -24.07
CA VAL C 105 -5.80 24.51 -25.43
C VAL C 105 -7.33 24.45 -25.52
N TRP C 106 -7.95 23.76 -24.57
CA TRP C 106 -9.40 23.59 -24.58
C TRP C 106 -10.08 24.88 -24.12
N LEU C 107 -9.34 25.74 -23.43
CA LEU C 107 -9.89 27.00 -22.97
C LEU C 107 -10.04 27.98 -24.14
N LYS C 108 -9.01 28.03 -24.98
CA LYS C 108 -9.04 28.88 -26.18
C LYS C 108 -10.13 28.42 -27.15
N ARG C 109 -10.28 27.10 -27.31
CA ARG C 109 -11.23 26.52 -28.27
C ARG C 109 -12.70 26.70 -27.86
N LEU C 110 -12.94 27.45 -26.79
CA LEU C 110 -14.29 27.68 -26.28
C LEU C 110 -15.05 28.71 -27.12
N LYS C 111 -16.35 28.81 -26.88
CA LYS C 111 -17.17 29.80 -27.60
C LYS C 111 -17.35 31.00 -26.69
N LYS C 112 -17.55 32.15 -27.30
CA LYS C 112 -17.95 33.32 -26.54
C LYS C 112 -19.37 33.03 -26.03
N GLY C 113 -19.66 33.39 -24.79
CA GLY C 113 -20.97 33.11 -24.26
C GLY C 113 -21.13 31.76 -23.57
N GLU C 114 -20.05 30.99 -23.52
CA GLU C 114 -20.03 29.74 -22.73
C GLU C 114 -19.35 29.96 -21.37
N THR C 115 -19.91 30.87 -20.60
CA THR C 115 -19.27 31.37 -19.39
C THR C 115 -19.14 30.37 -18.24
N TRP C 116 -20.14 29.52 -18.05
CA TRP C 116 -20.06 28.48 -16.99
C TRP C 116 -18.89 27.54 -17.17
N LEU C 117 -18.70 27.04 -18.39
CA LEU C 117 -17.64 26.08 -18.65
C LEU C 117 -16.28 26.75 -18.51
N ALA C 118 -16.20 28.01 -18.96
CA ALA C 118 -14.95 28.76 -18.90
C ALA C 118 -14.45 28.93 -17.47
N ILE C 119 -15.37 29.27 -16.57
CA ILE C 119 -15.04 29.50 -15.17
C ILE C 119 -14.45 28.25 -14.51
N ALA C 120 -15.08 27.12 -14.80
CA ALA C 120 -14.66 25.86 -14.21
C ALA C 120 -13.23 25.49 -14.60
N LEU C 121 -12.88 25.74 -15.87
CA LEU C 121 -11.54 25.44 -16.35
C LEU C 121 -10.49 26.36 -15.74
N ALA C 122 -10.79 27.65 -15.69
CA ALA C 122 -9.87 28.62 -15.13
C ALA C 122 -9.54 28.30 -13.67
N LEU C 123 -10.55 27.85 -12.93
CA LEU C 123 -10.36 27.45 -11.54
C LEU C 123 -9.44 26.25 -11.43
N VAL C 124 -9.69 25.25 -12.26
CA VAL C 124 -8.90 24.02 -12.25
C VAL C 124 -7.46 24.32 -12.69
N LEU C 125 -7.31 25.18 -13.69
CA LEU C 125 -6.00 25.53 -14.21
C LEU C 125 -5.25 26.30 -13.10
N GLY C 126 -5.95 27.22 -12.45
CA GLY C 126 -5.39 28.01 -11.38
C GLY C 126 -4.95 27.16 -10.20
N GLY C 127 -5.78 26.20 -9.83
CA GLY C 127 -5.44 25.28 -8.76
C GLY C 127 -4.27 24.39 -9.16
N ALA C 128 -4.28 23.96 -10.41
CA ALA C 128 -3.21 23.13 -10.95
C ALA C 128 -1.85 23.82 -10.87
N LEU C 129 -1.79 25.09 -11.28
CA LEU C 129 -0.53 25.82 -11.29
C LEU C 129 -0.03 26.16 -9.89
N GLY C 130 -0.96 26.38 -8.97
CA GLY C 130 -0.61 26.71 -7.60
C GLY C 130 0.18 25.61 -6.93
N ASN C 131 -0.28 24.37 -7.09
CA ASN C 131 0.39 23.24 -6.47
C ASN C 131 1.62 22.83 -7.26
N LEU C 132 1.57 23.06 -8.57
CA LEU C 132 2.72 22.83 -9.42
C LEU C 132 3.88 23.69 -8.96
N TYR C 133 3.59 24.98 -8.76
CA TYR C 133 4.57 25.94 -8.27
C TYR C 133 5.19 25.46 -6.97
N ASP C 134 4.36 24.91 -6.09
CA ASP C 134 4.81 24.39 -4.81
C ASP C 134 5.79 23.25 -5.00
N ARG C 135 5.40 22.27 -5.82
CA ARG C 135 6.23 21.10 -6.06
C ARG C 135 7.58 21.41 -6.70
N MET C 136 7.64 22.46 -7.50
CA MET C 136 8.89 22.78 -8.19
C MET C 136 9.79 23.58 -7.26
N VAL C 137 9.23 24.62 -6.68
CA VAL C 137 9.98 25.53 -5.82
C VAL C 137 10.27 24.96 -4.43
N LEU C 138 9.23 24.49 -3.74
CA LEU C 138 9.34 23.93 -2.40
C LEU C 138 9.64 22.44 -2.28
N GLY C 139 9.28 21.68 -3.29
CA GLY C 139 9.48 20.23 -3.27
C GLY C 139 8.29 19.49 -2.69
N HIS C 140 7.24 20.24 -2.34
CA HIS C 140 6.07 19.68 -1.66
C HIS C 140 4.92 20.66 -1.74
N VAL C 141 3.72 20.22 -1.38
CA VAL C 141 2.57 21.12 -1.40
C VAL C 141 2.18 21.57 0.01
N VAL C 142 1.90 22.87 0.15
CA VAL C 142 1.53 23.41 1.44
C VAL C 142 0.02 23.31 1.68
N ASP C 143 -0.35 22.73 2.80
CA ASP C 143 -1.74 22.50 3.14
C ASP C 143 -2.03 23.11 4.50
N PHE C 144 -3.10 23.90 4.60
CA PHE C 144 -3.40 24.57 5.88
C PHE C 144 -4.83 24.38 6.38
N ILE C 145 -5.74 23.92 5.52
CA ILE C 145 -7.14 23.74 5.93
C ILE C 145 -7.39 22.32 6.43
N LEU C 146 -7.63 22.17 7.73
CA LEU C 146 -7.88 20.86 8.30
C LEU C 146 -9.32 20.69 8.81
N VAL C 147 -10.17 20.02 8.04
CA VAL C 147 -11.52 19.70 8.47
C VAL C 147 -11.56 18.26 9.01
N HIS C 148 -12.31 18.04 10.08
CA HIS C 148 -12.36 16.74 10.71
C HIS C 148 -13.64 16.59 11.51
N TRP C 149 -13.86 15.41 12.09
CA TRP C 149 -14.97 15.23 13.00
C TRP C 149 -14.48 14.69 14.34
N GLN C 150 -14.30 15.60 15.30
CA GLN C 150 -13.78 15.27 16.62
C GLN C 150 -12.43 14.55 16.49
N ASN C 151 -12.29 13.39 17.12
CA ASN C 151 -11.10 12.55 16.95
C ASN C 151 -11.45 11.26 16.23
N ARG C 152 -12.56 11.27 15.49
CA ARG C 152 -13.04 10.07 14.81
C ARG C 152 -12.35 9.90 13.46
N TRP C 153 -12.28 10.98 12.71
CA TRP C 153 -11.63 10.96 11.40
C TRP C 153 -11.16 12.36 11.03
N TYR C 154 -10.05 12.42 10.31
CA TYR C 154 -9.56 13.69 9.79
C TYR C 154 -9.47 13.65 8.28
N PHE C 155 -10.09 14.64 7.64
CA PHE C 155 -9.96 14.80 6.21
C PHE C 155 -8.57 15.33 5.91
N PRO C 156 -7.93 14.80 4.85
CA PRO C 156 -6.59 15.24 4.45
C PRO C 156 -6.53 16.75 4.29
N ALA C 157 -5.51 17.36 4.86
CA ALA C 157 -5.37 18.81 4.85
C ALA C 157 -5.27 19.33 3.43
N PHE C 158 -5.96 20.43 3.13
CA PHE C 158 -5.90 21.00 1.79
C PHE C 158 -5.69 22.52 1.78
N ASN C 159 -5.82 23.12 0.60
CA ASN C 159 -5.59 24.56 0.40
C ASN C 159 -6.57 25.19 -0.59
N LEU C 160 -6.29 26.41 -1.04
CA LEU C 160 -7.15 27.06 -2.03
C LEU C 160 -7.07 26.41 -3.40
N ALA C 161 -5.86 26.03 -3.81
CA ALA C 161 -5.66 25.36 -5.09
C ALA C 161 -6.54 24.12 -5.19
N ASP C 162 -6.53 23.32 -4.12
CA ASP C 162 -7.37 22.13 -4.06
C ASP C 162 -8.84 22.53 -4.16
N SER C 163 -9.20 23.60 -3.47
CA SER C 163 -10.58 24.07 -3.48
C SER C 163 -11.02 24.50 -4.87
N ALA C 164 -10.17 25.28 -5.54
CA ALA C 164 -10.44 25.72 -6.90
C ALA C 164 -10.58 24.52 -7.83
N ILE C 165 -9.67 23.56 -7.68
CA ILE C 165 -9.71 22.32 -8.46
C ILE C 165 -11.00 21.54 -8.20
N THR C 166 -11.35 21.41 -6.92
CA THR C 166 -12.54 20.67 -6.52
C THR C 166 -13.82 21.33 -7.03
N VAL C 167 -13.96 22.64 -6.84
CA VAL C 167 -15.12 23.37 -7.31
C VAL C 167 -15.21 23.33 -8.83
N GLY C 168 -14.07 23.53 -9.48
CA GLY C 168 -13.99 23.47 -10.94
C GLY C 168 -14.41 22.11 -11.47
N ALA C 169 -13.92 21.06 -10.83
CA ALA C 169 -14.22 19.69 -11.26
C ALA C 169 -15.72 19.42 -11.16
N VAL C 170 -16.33 19.90 -10.09
CA VAL C 170 -17.76 19.76 -9.89
C VAL C 170 -18.55 20.54 -10.94
N MET C 171 -18.06 21.72 -11.29
CA MET C 171 -18.73 22.55 -12.29
C MET C 171 -18.75 21.89 -13.68
N LEU C 172 -17.66 21.23 -14.09
CA LEU C 172 -17.66 20.48 -15.34
C LEU C 172 -18.71 19.37 -15.30
N ALA C 173 -18.82 18.70 -14.17
CA ALA C 173 -19.75 17.59 -14.03
C ALA C 173 -21.18 18.09 -14.10
N LEU C 174 -21.39 19.36 -13.74
CA LEU C 174 -22.72 19.96 -13.73
C LEU C 174 -23.04 20.62 -15.07
N ASP C 175 -22.13 20.46 -16.03
CA ASP C 175 -22.29 21.01 -17.36
C ASP C 175 -23.18 20.09 -18.20
N MET C 176 -23.32 18.85 -17.73
CA MET C 176 -24.10 17.84 -18.42
C MET C 176 -25.60 17.95 -18.12
N PHE C 177 -26.01 19.13 -17.63
CA PHE C 177 -27.42 19.43 -17.45
C PHE C 177 -27.81 20.44 -18.53
N ARG C 178 -27.73 20.01 -19.78
CA ARG C 178 -28.01 20.88 -20.92
C ARG C 178 -28.78 20.14 -22.00
N PRO D 30 -23.23 8.72 -35.13
CA PRO D 30 -22.86 8.18 -36.45
C PRO D 30 -21.45 7.60 -36.44
N TRP D 31 -20.68 8.01 -35.43
CA TRP D 31 -19.35 7.46 -35.21
C TRP D 31 -19.37 6.43 -34.11
N LEU D 32 -20.52 6.29 -33.45
CA LEU D 32 -20.64 5.35 -32.34
C LEU D 32 -20.64 3.90 -32.78
N TRP D 33 -20.63 3.65 -34.10
CA TRP D 33 -20.55 2.28 -34.56
C TRP D 33 -19.17 1.71 -34.27
N ILE D 34 -18.17 2.59 -34.18
CA ILE D 34 -16.84 2.18 -33.76
C ILE D 34 -16.87 1.78 -32.29
N THR D 35 -17.56 2.58 -31.48
CA THR D 35 -17.74 2.30 -30.07
C THR D 35 -18.47 0.99 -29.82
N VAL D 36 -19.55 0.77 -30.57
CA VAL D 36 -20.32 -0.46 -30.50
C VAL D 36 -19.48 -1.67 -30.88
N LEU D 37 -18.75 -1.56 -31.99
CA LEU D 37 -17.93 -2.67 -32.47
C LEU D 37 -16.79 -3.01 -31.51
N VAL D 38 -16.12 -1.99 -31.00
CA VAL D 38 -15.04 -2.21 -30.04
C VAL D 38 -15.59 -2.90 -28.78
N PHE D 39 -16.70 -2.39 -28.26
CA PHE D 39 -17.30 -2.98 -27.07
C PHE D 39 -17.63 -4.46 -27.25
N VAL D 40 -18.32 -4.79 -28.33
CA VAL D 40 -18.76 -6.15 -28.58
C VAL D 40 -17.59 -7.11 -28.83
N LEU D 41 -16.70 -6.76 -29.75
CA LEU D 41 -15.54 -7.58 -30.06
C LEU D 41 -14.70 -7.79 -28.81
N ASP D 42 -14.65 -6.78 -27.97
CA ASP D 42 -13.95 -6.91 -26.69
C ASP D 42 -14.62 -7.95 -25.80
N GLN D 43 -15.95 -7.94 -25.77
CA GLN D 43 -16.69 -8.85 -24.89
C GLN D 43 -16.79 -10.24 -25.48
N VAL D 44 -16.85 -10.34 -26.81
CA VAL D 44 -16.80 -11.65 -27.46
C VAL D 44 -15.45 -12.34 -27.21
N SER D 45 -14.37 -11.57 -27.31
CA SER D 45 -13.02 -12.05 -26.98
C SER D 45 -12.97 -12.64 -25.57
N LYS D 46 -13.37 -11.83 -24.60
CA LYS D 46 -13.35 -12.21 -23.20
C LYS D 46 -14.17 -13.47 -22.96
N ALA D 47 -15.34 -13.53 -23.57
CA ALA D 47 -16.20 -14.70 -23.46
C ALA D 47 -15.46 -15.93 -23.97
N PHE D 48 -14.78 -15.77 -25.10
CA PHE D 48 -14.04 -16.85 -25.76
C PHE D 48 -12.95 -17.45 -24.88
N PHE D 49 -12.08 -16.59 -24.34
CA PHE D 49 -10.96 -17.08 -23.55
C PHE D 49 -11.35 -17.55 -22.16
N GLN D 50 -12.46 -17.05 -21.63
CA GLN D 50 -13.00 -17.61 -20.39
C GLN D 50 -13.49 -19.05 -20.58
N ALA D 51 -13.92 -19.36 -21.79
CA ALA D 51 -14.48 -20.67 -22.10
C ALA D 51 -13.40 -21.69 -22.50
N GLU D 52 -12.35 -21.19 -23.15
CA GLU D 52 -11.33 -22.06 -23.74
C GLU D 52 -10.15 -22.27 -22.78
N LEU D 53 -10.00 -21.38 -21.80
CA LEU D 53 -8.85 -21.43 -20.90
C LEU D 53 -9.23 -21.43 -19.42
N SER D 54 -8.33 -21.98 -18.60
CA SER D 54 -8.44 -21.87 -17.17
C SER D 54 -7.54 -20.73 -16.69
N MET D 55 -7.77 -20.25 -15.47
CA MET D 55 -7.01 -19.13 -14.95
C MET D 55 -5.50 -19.42 -14.93
N TYR D 56 -4.72 -18.44 -15.40
CA TYR D 56 -3.26 -18.49 -15.45
C TYR D 56 -2.71 -19.48 -16.48
N GLN D 57 -3.58 -20.17 -17.22
CA GLN D 57 -3.15 -21.01 -18.32
C GLN D 57 -2.60 -20.16 -19.46
N GLN D 58 -1.57 -20.66 -20.15
CA GLN D 58 -0.95 -19.92 -21.23
C GLN D 58 -0.90 -20.73 -22.53
N ILE D 59 -1.45 -20.19 -23.61
CA ILE D 59 -1.27 -20.78 -24.93
C ILE D 59 -0.21 -20.00 -25.71
N VAL D 60 0.95 -20.63 -25.94
CA VAL D 60 2.06 -19.99 -26.62
C VAL D 60 1.79 -19.75 -28.11
N VAL D 61 1.91 -18.50 -28.54
CA VAL D 61 1.80 -18.17 -29.96
C VAL D 61 3.18 -17.90 -30.56
N ILE D 62 3.93 -17.02 -29.91
CA ILE D 62 5.34 -16.82 -30.23
C ILE D 62 6.12 -16.97 -28.93
N PRO D 63 6.86 -18.08 -28.80
CA PRO D 63 7.58 -18.49 -27.59
C PRO D 63 8.35 -17.34 -26.91
N ASP D 64 8.97 -16.46 -27.68
CA ASP D 64 9.75 -15.39 -27.07
C ASP D 64 8.87 -14.23 -26.59
N LEU D 65 7.78 -13.98 -27.31
CA LEU D 65 7.08 -12.70 -27.18
C LEU D 65 5.62 -12.72 -26.74
N PHE D 66 4.83 -13.66 -27.25
CA PHE D 66 3.39 -13.51 -27.14
C PHE D 66 2.62 -14.81 -26.91
N SER D 67 1.71 -14.76 -25.95
CA SER D 67 0.87 -15.91 -25.58
C SER D 67 -0.53 -15.44 -25.21
N TRP D 68 -1.52 -16.31 -25.41
CA TRP D 68 -2.85 -16.07 -24.87
C TRP D 68 -2.83 -16.56 -23.42
N THR D 69 -3.66 -15.95 -22.58
CA THR D 69 -3.77 -16.40 -21.19
C THR D 69 -5.14 -16.04 -20.61
N LEU D 70 -5.35 -16.32 -19.33
CA LEU D 70 -6.58 -15.91 -18.66
C LEU D 70 -6.28 -15.36 -17.28
N ALA D 71 -6.58 -14.07 -17.09
CA ALA D 71 -6.29 -13.40 -15.84
C ALA D 71 -7.43 -12.50 -15.43
N TYR D 72 -7.70 -12.47 -14.13
CA TYR D 72 -8.69 -11.57 -13.56
C TYR D 72 -7.96 -10.45 -12.86
N ASN D 73 -8.16 -9.24 -13.36
CA ASN D 73 -7.48 -8.06 -12.86
C ASN D 73 -8.35 -7.26 -11.88
N THR D 74 -7.99 -7.32 -10.59
CA THR D 74 -8.66 -6.56 -9.54
C THR D 74 -8.16 -5.10 -9.51
N GLY D 75 -7.40 -4.71 -10.52
CA GLY D 75 -6.86 -3.36 -10.59
C GLY D 75 -5.74 -3.12 -9.60
N ALA D 76 -4.94 -2.10 -9.86
CA ALA D 76 -3.81 -1.79 -9.00
C ALA D 76 -4.26 -0.84 -7.89
N ALA D 77 -3.51 -0.81 -6.80
CA ALA D 77 -3.86 0.02 -5.67
C ALA D 77 -3.54 1.49 -5.99
N PHE D 78 -4.58 2.33 -6.01
CA PHE D 78 -4.41 3.77 -6.24
C PHE D 78 -4.74 4.62 -4.99
N SER D 79 -4.66 4.03 -3.81
CA SER D 79 -4.92 4.78 -2.58
C SER D 79 -4.27 4.20 -1.31
N PHE D 80 -4.03 2.88 -1.33
CA PHE D 80 -3.39 2.04 -0.27
C PHE D 80 -4.30 0.86 0.15
N LEU D 81 -3.76 -0.36 -0.02
CA LEU D 81 -4.46 -1.61 0.31
C LEU D 81 -5.77 -1.79 -0.48
N ALA D 82 -6.05 -0.84 -1.36
CA ALA D 82 -7.33 -0.77 -2.06
C ALA D 82 -7.60 -1.92 -3.04
N ASP D 83 -6.56 -2.64 -3.44
CA ASP D 83 -6.75 -3.81 -4.29
C ASP D 83 -7.26 -5.01 -3.48
N SER D 84 -7.36 -4.83 -2.17
CA SER D 84 -7.96 -5.83 -1.29
C SER D 84 -9.31 -5.34 -0.77
N SER D 85 -9.73 -4.17 -1.22
CA SER D 85 -11.06 -3.65 -0.95
C SER D 85 -11.90 -3.72 -2.21
N GLY D 86 -13.21 -3.77 -2.05
CA GLY D 86 -14.10 -3.81 -3.19
C GLY D 86 -14.50 -2.46 -3.75
N TRP D 87 -13.95 -1.37 -3.22
CA TRP D 87 -14.37 -0.05 -3.69
C TRP D 87 -13.70 0.40 -4.99
N GLN D 88 -12.50 -0.08 -5.27
CA GLN D 88 -11.85 0.25 -6.55
C GLN D 88 -12.69 -0.24 -7.70
N ARG D 89 -13.34 -1.38 -7.50
CA ARG D 89 -14.25 -1.95 -8.49
C ARG D 89 -15.23 -0.86 -8.92
N TRP D 90 -15.65 -0.04 -7.96
CA TRP D 90 -16.65 1.01 -8.21
C TRP D 90 -16.00 2.36 -8.52
N LEU D 91 -14.90 2.68 -7.86
CA LEU D 91 -14.18 3.91 -8.14
C LEU D 91 -13.84 3.95 -9.62
N PHE D 92 -13.37 2.82 -10.13
CA PHE D 92 -13.00 2.68 -11.53
C PHE D 92 -14.25 2.65 -12.40
N ALA D 93 -15.31 2.03 -11.87
CA ALA D 93 -16.61 2.04 -12.53
C ALA D 93 -17.14 3.46 -12.57
N LEU D 94 -16.95 4.19 -11.48
CA LEU D 94 -17.37 5.58 -11.42
C LEU D 94 -16.67 6.41 -12.47
N ILE D 95 -15.35 6.30 -12.51
CA ILE D 95 -14.53 7.07 -13.43
C ILE D 95 -14.86 6.72 -14.89
N ALA D 96 -15.14 5.45 -15.15
CA ALA D 96 -15.48 5.02 -16.50
C ALA D 96 -16.78 5.68 -16.94
N ILE D 97 -17.79 5.61 -16.07
CA ILE D 97 -19.09 6.22 -16.34
C ILE D 97 -18.96 7.73 -16.58
N VAL D 98 -18.22 8.40 -15.70
CA VAL D 98 -18.02 9.84 -15.81
C VAL D 98 -17.28 10.24 -17.08
N VAL D 99 -16.16 9.58 -17.35
CA VAL D 99 -15.35 9.88 -18.52
C VAL D 99 -16.09 9.49 -19.81
N SER D 100 -16.89 8.42 -19.76
CA SER D 100 -17.71 8.01 -20.90
C SER D 100 -18.70 9.10 -21.25
N ALA D 101 -19.41 9.60 -20.24
CA ALA D 101 -20.37 10.67 -20.40
C ALA D 101 -19.74 11.89 -21.07
N SER D 102 -18.64 12.38 -20.50
CA SER D 102 -17.95 13.54 -21.05
C SER D 102 -17.45 13.25 -22.46
N LEU D 103 -17.12 12.00 -22.74
CA LEU D 103 -16.64 11.61 -24.07
C LEU D 103 -17.78 11.60 -25.08
N VAL D 104 -18.96 11.20 -24.64
CA VAL D 104 -20.14 11.22 -25.51
C VAL D 104 -20.51 12.65 -25.85
N VAL D 105 -20.60 13.49 -24.83
CA VAL D 105 -20.90 14.91 -24.99
C VAL D 105 -19.88 15.60 -25.90
N TRP D 106 -18.60 15.29 -25.69
CA TRP D 106 -17.55 15.94 -26.47
C TRP D 106 -17.52 15.32 -27.87
N LEU D 107 -18.09 14.13 -28.02
CA LEU D 107 -18.19 13.51 -29.34
C LEU D 107 -19.29 14.14 -30.18
N LYS D 108 -20.45 14.39 -29.57
CA LYS D 108 -21.58 15.01 -30.28
C LYS D 108 -21.26 16.43 -30.77
N ARG D 109 -20.66 17.23 -29.90
CA ARG D 109 -20.34 18.63 -30.20
C ARG D 109 -19.19 18.82 -31.18
N LEU D 110 -18.70 17.72 -31.76
CA LEU D 110 -17.60 17.77 -32.71
C LEU D 110 -18.04 18.28 -34.08
N LYS D 111 -17.06 18.61 -34.91
CA LYS D 111 -17.35 19.10 -36.25
C LYS D 111 -17.19 17.97 -37.24
N LYS D 112 -17.91 18.02 -38.34
CA LYS D 112 -17.62 17.11 -39.45
C LYS D 112 -16.24 17.53 -39.96
N GLY D 113 -15.42 16.55 -40.31
CA GLY D 113 -14.06 16.81 -40.74
C GLY D 113 -13.02 16.77 -39.63
N GLU D 114 -13.45 16.56 -38.40
CA GLU D 114 -12.53 16.19 -37.33
C GLU D 114 -12.66 14.70 -37.09
N THR D 115 -12.57 13.94 -38.18
CA THR D 115 -12.86 12.52 -38.17
C THR D 115 -11.76 11.75 -37.46
N TRP D 116 -10.53 12.23 -37.64
CA TRP D 116 -9.37 11.61 -37.02
C TRP D 116 -9.59 11.64 -35.52
N LEU D 117 -10.04 12.79 -35.03
CA LEU D 117 -10.33 12.99 -33.62
C LEU D 117 -11.53 12.15 -33.19
N ALA D 118 -12.53 12.07 -34.07
CA ALA D 118 -13.76 11.32 -33.77
C ALA D 118 -13.48 9.85 -33.48
N ILE D 119 -12.60 9.27 -34.28
CA ILE D 119 -12.22 7.86 -34.13
C ILE D 119 -11.57 7.63 -32.78
N ALA D 120 -10.68 8.54 -32.39
CA ALA D 120 -9.93 8.40 -31.14
C ALA D 120 -10.84 8.34 -29.92
N LEU D 121 -11.88 9.17 -29.91
CA LEU D 121 -12.82 9.18 -28.79
C LEU D 121 -13.67 7.92 -28.77
N ALA D 122 -14.18 7.53 -29.94
CA ALA D 122 -14.99 6.33 -30.06
C ALA D 122 -14.20 5.10 -29.58
N LEU D 123 -12.91 5.06 -29.88
CA LEU D 123 -12.06 3.96 -29.45
C LEU D 123 -11.97 3.91 -27.93
N VAL D 124 -11.75 5.07 -27.33
CA VAL D 124 -11.62 5.17 -25.88
C VAL D 124 -12.96 4.85 -25.21
N LEU D 125 -14.05 5.31 -25.81
CA LEU D 125 -15.37 5.07 -25.27
C LEU D 125 -15.72 3.59 -25.30
N GLY D 126 -15.45 2.95 -26.44
CA GLY D 126 -15.72 1.54 -26.64
C GLY D 126 -14.93 0.67 -25.67
N GLY D 127 -13.65 1.01 -25.52
CA GLY D 127 -12.80 0.32 -24.57
C GLY D 127 -13.21 0.55 -23.12
N ALA D 128 -13.57 1.79 -22.81
CA ALA D 128 -14.00 2.15 -21.46
C ALA D 128 -15.24 1.36 -21.04
N LEU D 129 -16.22 1.30 -21.93
CA LEU D 129 -17.44 0.58 -21.62
C LEU D 129 -17.18 -0.92 -21.56
N GLY D 130 -16.20 -1.38 -22.33
CA GLY D 130 -15.85 -2.78 -22.35
C GLY D 130 -15.38 -3.26 -20.99
N ASN D 131 -14.52 -2.48 -20.35
CA ASN D 131 -14.03 -2.81 -19.02
C ASN D 131 -15.03 -2.44 -17.92
N LEU D 132 -15.85 -1.43 -18.18
CA LEU D 132 -16.92 -1.06 -17.26
C LEU D 132 -17.92 -2.21 -17.10
N TYR D 133 -18.35 -2.78 -18.22
CA TYR D 133 -19.24 -3.94 -18.18
C TYR D 133 -18.65 -5.04 -17.33
N ASP D 134 -17.34 -5.25 -17.48
CA ASP D 134 -16.65 -6.26 -16.67
C ASP D 134 -16.68 -5.93 -15.19
N ARG D 135 -16.28 -4.72 -14.84
CA ARG D 135 -16.20 -4.34 -13.43
C ARG D 135 -17.56 -4.38 -12.72
N MET D 136 -18.65 -4.12 -13.46
CA MET D 136 -19.97 -4.16 -12.85
C MET D 136 -20.54 -5.57 -12.80
N VAL D 137 -20.52 -6.27 -13.94
CA VAL D 137 -21.09 -7.61 -14.02
C VAL D 137 -20.21 -8.62 -13.32
N LEU D 138 -18.95 -8.67 -13.73
CA LEU D 138 -17.95 -9.51 -13.09
C LEU D 138 -17.33 -8.70 -11.95
N GLY D 139 -16.59 -9.34 -11.05
CA GLY D 139 -15.98 -8.60 -9.98
C GLY D 139 -14.66 -7.99 -10.43
N HIS D 140 -14.35 -8.14 -11.71
CA HIS D 140 -13.00 -7.91 -12.21
C HIS D 140 -12.96 -7.70 -13.72
N VAL D 141 -11.79 -7.32 -14.22
CA VAL D 141 -11.59 -7.17 -15.66
C VAL D 141 -10.83 -8.37 -16.21
N VAL D 142 -11.29 -8.90 -17.35
CA VAL D 142 -10.70 -10.09 -17.94
C VAL D 142 -9.54 -9.73 -18.87
N ASP D 143 -8.41 -10.41 -18.70
CA ASP D 143 -7.20 -10.15 -19.47
C ASP D 143 -6.69 -11.41 -20.16
N PHE D 144 -6.40 -11.35 -21.45
CA PHE D 144 -5.94 -12.54 -22.15
C PHE D 144 -4.68 -12.37 -23.01
N ILE D 145 -4.29 -11.13 -23.28
CA ILE D 145 -3.10 -10.89 -24.11
C ILE D 145 -1.83 -10.71 -23.26
N LEU D 146 -0.90 -11.67 -23.34
CA LEU D 146 0.32 -11.58 -22.54
C LEU D 146 1.56 -11.39 -23.40
N VAL D 147 2.07 -10.15 -23.43
CA VAL D 147 3.30 -9.85 -24.15
C VAL D 147 4.46 -9.89 -23.17
N HIS D 148 5.59 -10.45 -23.60
CA HIS D 148 6.72 -10.64 -22.72
C HIS D 148 8.02 -10.83 -23.48
N TRP D 149 9.12 -10.93 -22.74
CA TRP D 149 10.38 -11.33 -23.34
C TRP D 149 10.96 -12.55 -22.64
N GLN D 150 10.67 -13.72 -23.21
CA GLN D 150 11.13 -14.99 -22.68
C GLN D 150 10.71 -15.07 -21.21
N ASN D 151 11.66 -15.32 -20.31
CA ASN D 151 11.34 -15.30 -18.89
C ASN D 151 12.01 -14.13 -18.17
N ARG D 152 12.37 -13.11 -18.92
CA ARG D 152 13.03 -11.92 -18.38
C ARG D 152 12.06 -10.84 -17.93
N TRP D 153 11.03 -10.59 -18.72
CA TRP D 153 10.08 -9.53 -18.42
C TRP D 153 8.72 -9.84 -19.01
N TYR D 154 7.66 -9.55 -18.25
CA TYR D 154 6.30 -9.69 -18.76
C TYR D 154 5.53 -8.40 -18.63
N PHE D 155 4.92 -7.97 -19.72
CA PHE D 155 4.01 -6.85 -19.66
C PHE D 155 2.72 -7.35 -19.02
N PRO D 156 2.10 -6.54 -18.15
CA PRO D 156 0.83 -6.93 -17.52
C PRO D 156 -0.22 -7.31 -18.58
N ALA D 157 -0.90 -8.42 -18.38
CA ALA D 157 -1.86 -8.93 -19.37
C ALA D 157 -2.97 -7.92 -19.62
N PHE D 158 -3.34 -7.76 -20.88
CA PHE D 158 -4.41 -6.83 -21.27
C PHE D 158 -5.43 -7.45 -22.23
N ASN D 159 -6.29 -6.60 -22.79
CA ASN D 159 -7.37 -7.05 -23.68
C ASN D 159 -7.61 -6.08 -24.84
N LEU D 160 -8.71 -6.27 -25.57
CA LEU D 160 -9.05 -5.36 -26.68
C LEU D 160 -9.49 -3.99 -26.18
N ALA D 161 -10.24 -3.98 -25.08
CA ALA D 161 -10.67 -2.72 -24.49
C ALA D 161 -9.48 -1.84 -24.18
N ASP D 162 -8.47 -2.44 -23.56
CA ASP D 162 -7.24 -1.73 -23.23
C ASP D 162 -6.55 -1.21 -24.48
N SER D 163 -6.51 -2.06 -25.50
CA SER D 163 -5.85 -1.73 -26.75
C SER D 163 -6.52 -0.55 -27.46
N ALA D 164 -7.85 -0.57 -27.52
CA ALA D 164 -8.61 0.52 -28.11
C ALA D 164 -8.38 1.83 -27.37
N ILE D 165 -8.40 1.75 -26.04
CA ILE D 165 -8.15 2.92 -25.19
C ILE D 165 -6.75 3.50 -25.42
N THR D 166 -5.75 2.62 -25.48
CA THR D 166 -4.37 3.04 -25.70
C THR D 166 -4.19 3.71 -27.06
N VAL D 167 -4.72 3.09 -28.11
CA VAL D 167 -4.64 3.66 -29.45
C VAL D 167 -5.38 4.99 -29.53
N GLY D 168 -6.57 5.03 -28.93
CA GLY D 168 -7.36 6.24 -28.86
C GLY D 168 -6.55 7.31 -28.15
N ALA D 169 -5.87 6.91 -27.08
CA ALA D 169 -5.06 7.82 -26.30
C ALA D 169 -3.90 8.37 -27.12
N VAL D 170 -3.25 7.49 -27.88
CA VAL D 170 -2.15 7.91 -28.73
C VAL D 170 -2.66 8.86 -29.80
N MET D 171 -3.82 8.54 -30.35
CA MET D 171 -4.45 9.39 -31.35
C MET D 171 -4.90 10.74 -30.78
N LEU D 172 -5.47 10.74 -29.59
CA LEU D 172 -5.89 11.98 -28.95
C LEU D 172 -4.71 12.91 -28.69
N ALA D 173 -3.59 12.33 -28.26
CA ALA D 173 -2.40 13.12 -27.97
C ALA D 173 -1.80 13.71 -29.25
N LEU D 174 -2.00 13.02 -30.36
CA LEU D 174 -1.42 13.47 -31.63
C LEU D 174 -2.37 14.35 -32.45
N ASP D 175 -3.54 14.65 -31.91
CA ASP D 175 -4.49 15.48 -32.65
C ASP D 175 -4.24 16.96 -32.50
N MET D 176 -3.87 17.36 -31.28
CA MET D 176 -3.57 18.75 -30.99
C MET D 176 -2.09 19.06 -31.20
N PHE D 177 -1.42 18.16 -31.93
CA PHE D 177 -0.03 18.33 -32.37
C PHE D 177 0.23 17.93 -33.83
N ARG D 178 -0.41 18.59 -34.79
CA ARG D 178 -0.17 18.28 -36.21
C ARG D 178 -0.11 19.56 -37.04
N MLE E 1 17.19 -1.91 12.25
CN MLE E 1 16.15 -1.16 12.95
CA MLE E 1 18.59 -1.46 12.48
CB MLE E 1 19.45 -2.57 13.12
CG MLE E 1 18.74 -3.61 13.99
CD1 MLE E 1 19.62 -4.83 14.19
CD2 MLE E 1 18.28 -3.04 15.32
C MLE E 1 19.30 -0.88 11.25
O MLE E 1 19.84 0.22 11.34
N IIL E 2 19.33 -1.60 10.13
CA IIL E 2 20.04 -1.05 8.96
C IIL E 2 19.36 0.22 8.40
O IIL E 2 18.27 0.59 8.82
CB IIL E 2 20.28 -2.14 7.89
CG2 IIL E 2 19.01 -2.96 7.62
CG1 IIL E 2 21.42 -3.03 8.40
CD1 IIL E 2 21.59 -4.27 7.55
N SER E 3 20.05 0.86 7.47
CA SER E 3 19.59 2.09 6.84
C SER E 3 18.16 2.00 6.27
N ALO E 4 17.92 1.03 5.39
CA ALO E 4 16.60 0.84 4.77
CB ALO E 4 16.61 -0.29 3.73
CG2 ALO E 4 16.84 -1.64 4.40
OG1 ALO E 4 17.58 -0.05 2.72
C ALO E 4 15.51 0.54 5.78
O ALO E 4 14.31 0.54 5.47
O34 5BV E 5 15.07 -2.42 7.45
O35 5BV E 5 15.14 -1.83 9.62
O 5BV E 5 17.64 -3.64 10.89
N 5BV E 5 15.94 0.28 6.98
C32 5BV E 5 15.03 -0.06 8.07
C33 5BV E 5 15.07 -1.56 8.33
C36 5BV E 5 14.78 -3.17 10.03
C37 5BV E 5 13.27 -3.28 10.05
C38 5BV E 5 12.80 -4.45 9.21
C39 5BV E 5 11.38 -4.83 9.65
C40 5BV E 5 10.41 -3.71 9.29
C41 5BV E 5 9.06 -3.95 9.98
C42 5BV E 5 8.21 -2.70 9.85
C43 5BV E 5 15.30 -3.29 11.44
C44 5BV E 5 15.09 -4.72 11.95
C 5BV E 5 16.81 -2.96 11.50
N MLE F 1 -2.82 16.82 -9.86
CN MLE F 1 -1.53 16.54 -10.49
CA MLE F 1 -3.10 18.25 -9.53
CB MLE F 1 -4.34 18.75 -10.29
CG MLE F 1 -4.50 18.29 -11.74
CD1 MLE F 1 -5.85 18.71 -12.29
CD2 MLE F 1 -3.38 18.83 -12.61
C MLE F 1 -3.21 18.54 -8.03
O MLE F 1 -2.40 19.32 -7.52
N IIL F 2 -4.19 17.97 -7.35
CA IIL F 2 -4.40 18.20 -5.90
C IIL F 2 -3.15 17.88 -5.06
O IIL F 2 -2.21 17.22 -5.51
CB IIL F 2 -5.60 17.40 -5.39
CG2 IIL F 2 -5.39 15.90 -5.59
CG1 IIL F 2 -6.87 17.84 -6.11
CD1 IIL F 2 -8.05 17.76 -5.15
N SER F 3 -3.16 18.38 -3.82
CA SER F 3 -2.10 18.24 -2.81
C SER F 3 -1.49 16.84 -2.70
N ALO F 4 -2.34 15.83 -2.45
CA ALO F 4 -1.84 14.45 -2.30
CB ALO F 4 -2.96 13.51 -1.82
CG2 ALO F 4 -4.23 13.69 -2.63
OG1 ALO F 4 -3.24 13.74 -0.45
C ALO F 4 -1.31 13.91 -3.63
O ALO F 4 -0.48 12.99 -3.65
O34 5BV F 5 -3.69 13.27 -6.31
O35 5BV F 5 -2.35 13.43 -8.12
O 5BV F 5 -4.79 15.98 -9.15
N 5BV F 5 -1.78 14.50 -4.70
C32 5BV F 5 -1.39 14.10 -6.04
C33 5BV F 5 -2.60 13.56 -6.82
C36 5BV F 5 -3.48 13.38 -9.02
C37 5BV F 5 -3.59 11.96 -9.60
C38 5BV F 5 -2.21 11.31 -9.64
C39 5BV F 5 -2.27 9.90 -9.05
C40 5BV F 5 -1.29 8.99 -9.78
C41 5BV F 5 -1.86 8.57 -11.13
C42 5BV F 5 -0.73 8.41 -12.16
C43 5BV F 5 -3.24 14.39 -10.11
C44 5BV F 5 -4.06 14.04 -11.35
C 5BV F 5 -3.68 15.80 -9.65
N MLE G 1 -10.07 3.32 -16.44
CN MLE G 1 -11.09 3.15 -15.39
CA MLE G 1 -10.41 2.75 -17.78
CB MLE G 1 -10.16 3.75 -18.92
CG MLE G 1 -10.85 5.10 -18.72
CD1 MLE G 1 -10.72 5.94 -19.97
CD2 MLE G 1 -12.31 4.85 -18.38
C MLE G 1 -9.68 1.42 -18.05
O MLE G 1 -10.35 0.41 -18.26
N IIL G 2 -8.35 1.45 -18.07
CA IIL G 2 -7.55 0.25 -18.34
C IIL G 2 -7.80 -0.82 -17.27
O IIL G 2 -8.27 -0.51 -16.17
CB IIL G 2 -6.06 0.61 -18.42
CG2 IIL G 2 -5.62 1.33 -17.13
CG1 IIL G 2 -5.80 1.51 -19.62
CD1 IIL G 2 -6.55 1.02 -20.84
N SER G 3 -7.51 -2.08 -17.60
CA SER G 3 -7.71 -3.21 -16.67
C SER G 3 -6.86 -3.05 -15.41
N ALO G 4 -5.63 -2.54 -15.56
CA ALO G 4 -4.74 -2.35 -14.41
CB ALO G 4 -3.29 -2.17 -14.87
CG2 ALO G 4 -3.10 -0.82 -15.57
OG1 ALO G 4 -2.92 -3.23 -15.73
C ALO G 4 -5.17 -1.15 -13.58
O ALO G 4 -4.45 -0.70 -12.68
O34 5BV G 5 -5.29 2.20 -14.01
O35 5BV G 5 -7.50 2.58 -14.27
O 5BV G 5 -8.04 4.20 -16.94
N 5BV G 5 -6.35 -0.62 -13.88
C32 5BV G 5 -6.90 0.54 -13.19
C33 5BV G 5 -6.48 1.86 -13.86
C36 5BV G 5 -7.54 4.01 -14.04
C37 5BV G 5 -7.57 4.28 -12.54
C38 5BV G 5 -6.64 5.42 -12.11
C39 5BV G 5 -7.40 6.36 -11.18
C40 5BV G 5 -6.52 6.75 -9.99
C41 5BV G 5 -7.40 7.08 -8.78
C42 5BV G 5 -6.54 7.63 -7.63
C43 5BV G 5 -8.82 4.53 -14.67
C44 5BV G 5 -8.83 6.06 -14.74
C 5BV G 5 -8.94 4.00 -16.12
N MLE H 1 -4.87 -15.48 13.42
CN MLE H 1 -4.03 -15.41 12.20
CA MLE H 1 -5.70 -16.71 13.56
CB MLE H 1 -5.42 -17.45 14.87
CG MLE H 1 -4.01 -17.38 15.43
CD1 MLE H 1 -3.97 -17.84 16.87
CD2 MLE H 1 -3.04 -18.15 14.56
C MLE H 1 -7.20 -16.46 13.38
O MLE H 1 -7.86 -17.21 12.66
N IIL H 2 -7.74 -15.46 14.05
CA IIL H 2 -9.18 -15.14 13.96
C IIL H 2 -9.54 -14.74 12.52
O IIL H 2 -8.66 -14.53 11.69
CB IIL H 2 -9.50 -14.05 14.99
CG2 IIL H 2 -8.55 -12.86 14.80
CG1 IIL H 2 -9.30 -14.62 16.40
CD1 IIL H 2 -10.53 -14.35 17.28
N SER H 3 -10.83 -14.63 12.20
CA SER H 3 -11.25 -14.27 10.84
C SER H 3 -10.86 -12.84 10.43
N ALO H 4 -10.76 -11.91 11.37
CA ALO H 4 -10.39 -10.53 11.04
CB ALO H 4 -10.73 -9.55 12.17
CG2 ALO H 4 -9.76 -9.67 13.35
OG1 ALO H 4 -12.07 -9.77 12.62
C ALO H 4 -8.89 -10.43 10.80
O ALO H 4 -8.34 -9.35 10.55
O34 5BV H 5 -6.48 -10.42 12.74
O35 5BV H 5 -5.07 -12.10 12.31
O 5BV H 5 -5.45 -14.45 15.34
N 5BV H 5 -8.23 -11.58 10.88
C32 5BV H 5 -6.79 -11.67 10.70
C33 5BV H 5 -6.10 -11.33 12.01
C36 5BV H 5 -4.56 -12.02 13.66
C37 5BV H 5 -3.62 -10.82 13.79
C38 5BV H 5 -2.75 -10.72 12.53
C39 5BV H 5 -2.83 -9.32 11.94
C40 5BV H 5 -1.50 -8.60 12.17
C41 5BV H 5 -0.58 -8.81 10.97
C42 5BV H 5 0.87 -8.55 11.38
C43 5BV H 5 -3.81 -13.30 13.98
C44 5BV H 5 -2.95 -13.08 15.23
C 5BV H 5 -4.79 -14.45 14.29
C18 OLC I . 37.29 -8.03 15.55
C10 OLC I . 35.07 -6.23 6.75
C9 OLC I . 34.32 -6.27 5.64
C17 OLC I . 36.26 -7.14 14.85
C11 OLC I . 34.61 -5.29 7.88
C8 OLC I . 33.08 -5.38 5.60
C24 OLC I . 21.60 -0.94 3.47
C16 OLC I . 36.53 -7.15 13.35
C12 OLC I . 34.24 -6.13 9.11
C7 OLC I . 32.03 -5.94 4.64
C15 OLC I . 35.67 -6.09 12.66
C13 OLC I . 34.79 -5.51 10.38
C6 OLC I . 30.73 -5.16 4.80
C14 OLC I . 35.23 -6.64 11.31
C5 OLC I . 29.60 -5.76 3.98
C4 OLC I . 28.62 -4.63 3.62
C3 OLC I . 27.17 -5.13 3.68
C2 OLC I . 26.23 -4.10 3.03
C21 OLC I . 23.02 -2.81 4.33
C1 OLC I . 24.95 -3.99 3.88
C22 OLC I . 21.66 -2.45 3.72
O19 OLC I . 24.85 -4.48 4.95
O25 OLC I . 20.32 -0.47 3.81
O23 OLC I . 21.49 -3.13 2.52
O20 OLC I . 23.93 -3.32 3.33
C18 OLC J . 36.07 0.26 8.48
C10 OLC J . 35.52 5.23 5.06
C9 OLC J . 35.75 6.21 4.16
C17 OLC J . 37.03 1.10 9.30
C11 OLC J . 35.48 5.65 6.53
C8 OLC J . 35.93 7.63 4.71
C24 OLC J . 38.06 15.49 -3.45
C16 OLC J . 37.95 1.87 8.35
C12 OLC J . 36.83 5.36 7.18
C7 OLC J . 37.37 8.08 4.52
C15 OLC J . 38.11 3.32 8.83
C13 OLC J . 36.66 5.35 8.70
C6 OLC J . 37.91 7.60 3.16
C14 OLC J . 36.75 3.91 9.19
C5 OLC J . 38.39 8.79 2.33
C4 OLC J . 37.77 8.74 0.94
C3 OLC J . 36.91 9.98 0.71
C2 OLC J . 37.82 11.17 0.39
C21 OLC J . 38.17 13.84 -1.58
C1 OLC J . 37.55 11.67 -1.04
C22 OLC J . 37.55 15.16 -2.04
O19 OLC J . 37.68 10.98 -1.99
O25 OLC J . 37.24 14.87 -4.40
O23 OLC J . 36.16 15.05 -2.05
O20 OLC J . 37.14 12.95 -1.12
C18 OLC K . 37.65 -4.47 4.70
C10 OLC K . 38.21 2.15 1.58
C9 OLC K . 38.69 2.39 0.35
C17 OLC K . 37.55 -3.25 5.61
C11 OLC K . 39.09 2.60 2.73
C8 OLC K . 40.05 3.10 0.29
C24 OLC K . 38.15 11.71 -7.82
C16 OLC K . 37.74 -1.98 4.77
C12 OLC K . 39.51 1.38 3.56
C7 OLC K . 40.29 3.61 -1.12
C15 OLC K . 38.03 -0.79 5.68
C13 OLC K . 38.84 1.45 4.93
C6 OLC K . 40.36 5.14 -1.10
C14 OLC K . 37.65 0.50 4.97
C5 OLC K . 39.72 5.69 -2.38
C4 OLC K . 38.94 6.95 -2.04
C3 OLC K . 39.56 8.16 -2.74
C2 OLC K . 38.80 8.40 -4.05
C21 OLC K . 38.75 10.82 -5.57
C1 OLC K . 39.80 8.78 -5.14
C22 OLC K . 39.01 11.94 -6.58
O19 OLC K . 40.38 7.97 -5.77
O25 OLC K . 38.50 10.50 -8.43
O23 OLC K . 38.66 13.18 -6.01
O20 OLC K . 39.97 10.10 -5.33
C18 OLC L . 33.47 0.18 11.87
C10 OLC L . 38.68 -4.99 16.72
C9 OLC L . 39.51 -5.29 17.73
C17 OLC L . 34.78 -0.61 11.93
C11 OLC L . 37.32 -4.40 17.10
C8 OLC L . 38.98 -5.00 19.14
C24 OLC L . 36.32 -10.10 28.18
C16 OLC L . 35.03 -1.07 13.38
C12 OLC L . 36.62 -3.78 15.89
C7 OLC L . 39.89 -3.98 19.83
C15 OLC L . 35.90 -2.33 13.37
C13 OLC L . 37.63 -3.36 14.83
C6 OLC L . 40.01 -4.33 21.32
C14 OLC L . 37.17 -2.06 14.17
C5 OLC L . 38.83 -3.76 22.12
C4 OLC L . 38.81 -4.39 23.50
C3 OLC L . 38.16 -5.77 23.42
C2 OLC L . 38.81 -6.73 24.41
C21 OLC L . 37.94 -8.34 27.39
C1 OLC L . 38.09 -6.66 25.75
C22 OLC L . 36.73 -8.63 28.28
O19 OLC L . 38.06 -5.67 26.40
O25 OLC L . 36.99 -10.85 29.16
O23 OLC L . 37.05 -8.32 29.62
O20 OLC L . 37.49 -7.80 26.13
C18 OLC M . 30.30 11.83 19.37
C10 OLC M . 32.49 6.69 27.28
C9 OLC M . 32.15 6.23 28.50
C17 OLC M . 30.37 10.34 19.74
C11 OLC M . 31.34 7.07 26.34
C8 OLC M . 30.64 6.15 28.82
C24 OLC M . 37.04 -1.55 31.06
C16 OLC M . 30.21 10.17 21.25
C12 OLC M . 31.93 7.83 25.14
C7 OLC M . 30.09 4.73 28.71
C15 OLC M . 30.62 8.75 21.65
C13 OLC M . 30.92 7.92 24.00
C6 OLC M . 31.16 3.71 28.30
C14 OLC M . 31.50 8.79 22.90
C5 OLC M . 30.48 2.47 27.71
C4 OLC M . 31.53 1.37 27.52
C3 OLC M . 32.28 1.15 28.84
C2 OLC M . 33.02 -0.18 28.82
C21 OLC M . 35.03 -0.25 31.81
C1 OLC M . 33.33 -0.62 30.26
C22 OLC M . 36.54 -0.44 31.98
O19 OLC M . 32.47 -0.78 31.06
O25 OLC M . 38.42 -1.38 30.83
O23 OLC M . 37.20 0.76 31.67
O20 OLC M . 34.62 -0.81 30.53
C18 OLC N . 28.20 4.62 21.60
C10 OLC N . 19.83 8.20 20.42
C9 OLC N . 19.27 9.41 20.50
C17 OLC N . 27.53 5.93 21.99
C11 OLC N . 21.11 7.99 21.23
C8 OLC N . 19.99 10.43 21.41
C24 OLC N . 12.06 16.01 16.24
C16 OLC N . 26.07 5.65 22.33
C12 OLC N . 22.26 7.68 20.30
C7 OLC N . 19.25 11.78 21.35
C15 OLC N . 25.16 6.15 21.20
C13 OLC N . 22.74 6.25 20.55
C6 OLC N . 17.90 11.69 22.06
C14 OLC N . 23.72 6.25 21.72
C5 OLC N . 16.83 12.38 21.20
C4 OLC N . 15.52 12.53 21.97
C3 OLC N . 14.32 12.12 21.12
C2 OLC N . 13.50 13.35 20.70
C21 OLC N . 13.97 15.65 17.84
C1 OLC N . 13.97 13.85 19.33
C22 OLC N . 13.05 16.70 17.20
O19 OLC N . 14.90 13.38 18.76
O25 OLC N . 12.10 16.62 14.98
O23 OLC N . 12.35 17.39 18.19
O20 OLC N . 13.25 14.85 18.82
C18 OLC O . -12.96 -24.61 30.74
C10 OLC O . -17.42 -20.33 25.83
C9 OLC O . -17.87 -19.08 25.61
C17 OLC O . -14.21 -24.95 29.92
C11 OLC O . -17.19 -21.22 24.60
C8 OLC O . -18.11 -18.67 24.15
C24 OLC O . -14.67 -11.34 14.73
C16 OLC O . -14.18 -24.18 28.60
C12 OLC O . -16.87 -22.65 25.02
C7 OLC O . -17.91 -17.16 23.99
C15 OLC O . -15.38 -24.57 27.75
C13 OLC O . -15.92 -22.66 26.20
C6 OLC O . -17.80 -16.82 22.51
C14 OLC O . -15.24 -24.03 26.33
C5 OLC O . -16.95 -15.57 22.30
C4 OLC O . -16.57 -15.50 20.82
C3 OLC O . -15.69 -14.29 20.50
C2 OLC O . -15.54 -14.25 18.98
C21 OLC O . -13.45 -12.18 16.73
C1 OLC O . -14.60 -13.13 18.53
C22 OLC O . -13.60 -12.32 15.21
O19 OLC O . -14.47 -12.12 19.14
O25 OLC O . -14.54 -11.17 13.35
O23 OLC O . -12.39 -12.02 14.55
O20 OLC O . -13.95 -13.38 17.37
C18 OLC P . 2.19 -12.19 28.86
C10 OLC P . -6.85 -10.86 28.26
C9 OLC P . -7.85 -11.38 27.53
C17 OLC P . 1.10 -13.24 29.12
C11 OLC P . -5.46 -10.90 27.62
C8 OLC P . -7.48 -11.96 26.16
C24 OLC P . -13.23 -6.94 17.52
C16 OLC P . -0.08 -12.59 29.84
C12 OLC P . -4.41 -10.48 28.65
C7 OLC P . -8.69 -11.90 25.24
C15 OLC P . -0.72 -11.55 28.91
C13 OLC P . -3.03 -10.91 28.19
C6 OLC P . -8.32 -12.54 23.89
C14 OLC P . -2.13 -11.20 29.40
C5 OLC P . -9.29 -12.10 22.79
C4 OLC P . -8.73 -12.53 21.44
C3 OLC P . -9.69 -12.13 20.33
C2 OLC P . -9.68 -10.62 20.12
C21 OLC P . -11.15 -8.11 18.28
C1 OLC P . -10.83 -10.24 19.18
C22 OLC P . -12.10 -7.88 17.10
O19 OLC P . -11.93 -10.66 19.33
O25 OLC P . -13.70 -6.24 16.40
O23 OLC P . -11.39 -7.32 16.02
O20 OLC P . -10.51 -9.40 18.18
C18 OLC Q . -20.01 -21.39 28.06
C10 OLC Q . -26.21 -20.63 21.64
C9 OLC Q . -27.26 -20.73 20.81
C17 OLC Q . -20.42 -21.91 26.68
C11 OLC Q . -25.58 -21.96 22.05
C8 OLC Q . -27.63 -22.15 20.39
C24 OLC Q . -36.04 -20.49 11.43
C16 OLC Q . -21.65 -21.14 26.21
C12 OLC Q . -24.74 -21.75 23.31
C7 OLC Q . -29.06 -22.17 19.87
C15 OLC Q . -21.75 -21.23 24.69
C13 OLC Q . -23.53 -20.91 22.95
C6 OLC Q . -29.02 -22.42 18.36
C14 OLC Q . -22.91 -20.33 24.23
C5 OLC Q . -30.19 -21.70 17.71
C4 OLC Q . -31.38 -22.67 17.63
C3 OLC Q . -32.57 -21.94 17.01
C2 OLC Q . -32.12 -21.17 15.78
C21 OLC Q . -33.91 -20.89 12.65
C1 OLC Q . -33.34 -20.91 14.89
C22 OLC Q . -35.25 -21.51 12.24
O19 OLC Q . -34.20 -20.16 15.19
O25 OLC Q . -36.14 -20.93 10.10
O23 OLC Q . -35.03 -22.66 11.48
O20 OLC Q . -33.37 -21.63 13.76
C18 OLC R . -15.95 -25.58 20.16
C10 OLC R . -14.76 -32.46 25.51
C9 OLC R . -14.09 -33.26 26.36
C17 OLC R . -15.54 -26.20 21.49
C11 OLC R . -14.64 -30.96 25.77
C8 OLC R . -13.31 -32.55 27.46
C24 OLC R . -2.83 -35.88 30.70
C16 OLC R . -15.33 -27.72 21.32
C12 OLC R . -14.10 -30.24 24.54
C7 OLC R . -12.58 -33.58 28.33
C15 OLC R . -15.34 -28.42 22.67
C13 OLC R . -14.06 -28.74 24.80
C6 OLC R . -11.99 -34.69 27.45
C14 OLC R . -14.13 -27.97 23.49
C5 OLC R . -10.57 -34.30 27.07
C4 OLC R . -9.75 -35.56 26.76
C3 OLC R . -8.26 -35.26 26.92
C2 OLC R . -7.77 -35.70 28.31
C21 OLC R . -4.60 -37.09 29.40
C1 OLC R . -6.31 -36.15 28.18
C22 OLC R . -3.16 -36.58 29.39
O19 OLC R . -5.88 -36.59 27.17
O25 OLC R . -1.48 -35.53 30.71
O23 OLC R . -2.31 -37.67 29.24
O20 OLC R . -5.54 -36.00 29.26
C18 OLC S . -12.93 -33.32 7.47
C10 OLC S . -7.10 -38.09 12.93
C9 OLC S . -6.11 -38.19 13.83
C17 OLC S . -11.93 -34.45 7.65
C11 OLC S . -7.96 -36.83 12.99
C8 OLC S . -5.97 -37.03 14.82
C24 OLC S . -5.12 -42.25 24.03
C16 OLC S . -10.71 -33.93 8.42
C12 OLC S . -9.16 -36.96 12.05
C7 OLC S . -4.52 -36.91 15.30
C15 OLC S . -10.86 -34.24 9.91
C13 OLC S . -9.68 -35.58 11.68
C6 OLC S . -4.46 -36.27 16.69
C14 OLC S . -10.20 -35.58 10.24
C5 OLC S . -4.27 -37.33 17.77
C4 OLC S . -2.86 -37.22 18.35
C3 OLC S . -2.34 -38.58 18.82
C2 OLC S . -3.30 -39.17 19.85
C21 OLC S . -3.35 -41.59 22.41
C1 OLC S . -2.56 -40.14 20.78
C22 OLC S . -4.59 -42.45 22.62
O19 OLC S . -1.52 -39.87 21.28
O25 OLC S . -6.53 -42.13 23.97
O23 OLC S . -5.56 -42.09 21.67
O20 OLC S . -3.19 -41.29 21.01
C18 OLC T . -29.72 -19.70 29.18
C10 OLC T . -26.81 -11.28 28.32
C9 OLC T . -26.34 -10.04 28.10
C17 OLC T . -30.10 -18.46 28.37
C11 OLC T . -28.05 -11.70 27.55
C8 OLC T . -27.09 -9.17 27.09
C24 OLC T . -26.31 3.25 24.15
C16 OLC T . -28.89 -17.54 28.22
C12 OLC T . -28.89 -12.68 28.38
C7 OLC T . -26.57 -7.73 27.14
C15 OLC T . -29.30 -16.27 27.48
C13 OLC T . -28.33 -14.09 28.24
C6 OLC T . -26.50 -7.13 25.73
C14 OLC T . -29.44 -15.11 28.47
C5 OLC T . -27.32 -5.84 25.64
C4 OLC T . -26.85 -5.01 24.45
C3 OLC T . -27.60 -3.67 24.37
C2 OLC T . -26.65 -2.50 24.67
C21 OLC T . -26.36 0.81 23.59
C1 OLC T . -26.57 -1.52 23.50
C22 OLC T . -27.18 2.09 23.67
O19 OLC T . -25.99 -1.75 22.48
O25 OLC T . -27.00 4.47 23.97
O23 OLC T . -27.70 2.39 22.40
O20 OLC T . -27.20 -0.35 23.71
C18 OLC U . -20.28 -28.56 22.49
C10 OLC U . -22.94 -25.15 15.46
C9 OLC U . -24.02 -24.48 15.02
C17 OLC U . -20.34 -29.02 21.02
C11 OLC U . -22.83 -26.62 15.04
C8 OLC U . -25.00 -25.28 14.16
C24 OLC U . -34.28 -22.33 7.10
C16 OLC U . -20.64 -27.82 20.12
C12 OLC U . -23.14 -27.54 16.22
C7 OLC U . -26.35 -25.38 14.88
C15 OLC U . -22.09 -27.90 19.64
C13 OLC U . -21.94 -27.59 17.17
C6 OLC U . -27.44 -24.72 14.03
C14 OLC U . -22.31 -26.93 18.49
C5 OLC U . -28.77 -24.76 14.77
C4 OLC U . -29.76 -23.78 14.12
C3 OLC U . -29.84 -24.03 12.62
C2 OLC U . -31.27 -23.82 12.13
C21 OLC U . -32.89 -22.72 9.14
C1 OLC U . -31.26 -23.27 10.70
C22 OLC U . -33.28 -23.27 7.76
O19 OLC U . -30.46 -22.47 10.33
O25 OLC U . -33.66 -21.65 6.04
O23 OLC U . -32.13 -23.34 6.96
O20 OLC U . -32.22 -23.74 9.91
C18 OLC V . -18.73 32.95 -3.05
C10 OLC V . -15.19 32.29 5.39
C9 OLC V . -14.31 31.81 6.29
C17 OLC V . -18.53 33.17 -1.55
C11 OLC V . -14.63 33.26 4.33
C8 OLC V . -12.87 32.28 6.14
C24 OLC V . -7.77 33.11 17.29
C16 OLC V . -17.21 32.54 -1.12
C12 OLC V . -14.62 32.57 2.97
C7 OLC V . -12.17 32.21 7.49
C15 OLC V . -16.44 33.51 -0.23
C13 OLC V . -15.11 33.54 1.89
C6 OLC V . -12.50 33.45 8.31
C14 OLC V . -15.43 32.74 0.63
C5 OLC V . -12.83 33.06 9.75
C4 OLC V . -11.57 32.57 10.45
C3 OLC V . -11.24 33.51 11.62
C2 OLC V . -9.76 33.38 11.98
C21 OLC V . -9.46 32.88 15.46
C1 OLC V . -9.59 32.44 13.17
C22 OLC V . -8.57 32.12 16.44
O19 OLC V . -10.11 31.38 13.21
O25 OLC V . -6.53 33.37 16.70
O23 OLC V . -9.39 31.34 17.27
O20 OLC V . -8.82 32.91 14.16
C18 OLC W . -2.44 32.45 -16.92
C10 OLC W . 2.46 28.75 -12.81
C9 OLC W . 3.43 27.82 -12.80
C17 OLC W . -1.80 32.44 -15.54
C11 OLC W . 2.92 30.20 -12.61
C8 OLC W . 4.85 28.34 -12.61
C24 OLC W . 13.54 27.82 -6.60
C16 OLC W . -0.35 32.92 -15.64
C12 OLC W . 2.00 31.12 -13.44
C7 OLC W . 5.50 27.62 -11.44
C15 OLC W . 0.13 33.38 -14.26
C13 OLC W . 1.12 31.93 -12.49
C6 OLC W . 6.19 26.35 -11.93
C14 OLC W . -0.18 32.31 -13.20
C5 OLC W . 7.68 26.41 -11.56
C4 OLC W . 8.36 27.54 -12.33
C3 OLC W . 9.30 28.31 -11.39
C2 OLC W . 10.22 27.31 -10.68
C21 OLC W . 12.78 28.06 -8.97
C1 OLC W . 11.68 27.61 -11.00
C22 OLC W . 13.89 27.53 -8.07
O19 OLC W . 12.02 28.20 -11.97
O25 OLC W . 14.05 26.82 -5.76
O23 OLC W . 14.03 26.15 -8.25
O20 OLC W . 12.56 27.16 -10.09
C18 OLC X . -1.85 30.18 -19.67
C10 OLC X . 4.43 24.26 -16.74
C9 OLC X . 5.68 24.16 -16.24
C17 OLC X . -0.52 29.44 -19.65
C11 OLC X . 4.04 25.58 -17.40
C8 OLC X . 6.58 25.39 -16.39
C24 OLC X . 15.53 22.91 -8.95
C16 OLC X . -0.59 28.27 -18.67
C12 OLC X . 2.52 25.67 -17.51
C7 OLC X . 7.63 25.38 -15.29
C15 OLC X . 0.79 27.61 -18.57
C13 OLC X . 2.08 25.49 -18.97
C6 OLC X . 8.91 24.67 -15.75
C14 OLC X . 0.74 26.20 -19.18
C5 OLC X . 10.12 25.34 -15.09
C4 OLC X . 11.08 24.27 -14.56
C3 OLC X . 12.18 24.91 -13.71
C2 OLC X . 12.11 24.42 -12.25
C21 OLC X . 13.17 23.32 -9.74
C1 OLC X . 12.85 23.09 -12.06
C22 OLC X . 14.05 22.71 -8.63
O19 OLC X . 12.69 22.16 -12.77
O25 OLC X . 16.29 22.57 -7.82
O23 OLC X . 13.78 23.35 -7.40
O20 OLC X . 13.73 23.07 -11.04
C18 OLC Y . -16.11 31.70 -5.56
C10 OLC Y . -8.25 34.48 -0.67
C9 OLC Y . -7.55 35.16 0.25
C17 OLC Y . -15.36 31.57 -4.22
C11 OLC Y . -9.69 34.10 -0.29
C8 OLC Y . -8.29 35.48 1.55
C24 OLC Y . -3.64 33.03 12.70
C16 OLC Y . -14.63 32.87 -3.91
C12 OLC Y . -10.64 34.48 -1.41
C7 OLC Y . -7.84 34.54 2.66
C15 OLC Y . -13.78 32.70 -2.65
C13 OLC Y . -11.90 33.61 -1.31
C6 OLC Y . -8.76 34.69 3.88
C14 OLC Y . -12.81 33.86 -2.50
C5 OLC Y . -8.44 33.60 4.90
C4 OLC Y . -8.54 34.16 6.32
C3 OLC Y . -7.21 33.92 7.03
C2 OLC Y . -7.15 34.69 8.35
C21 OLC Y . -5.22 33.66 10.89
C1 OLC Y . -7.11 33.70 9.51
C22 OLC Y . -5.11 33.08 12.30
O19 OLC Y . -7.52 32.59 9.42
O25 OLC Y . -3.36 34.01 13.68
O23 OLC Y . -5.84 33.86 13.19
O20 OLC Y . -6.55 34.16 10.65
C18 OLC Z . -11.26 2.23 -36.82
C10 OLC Z . -4.85 -2.44 -32.34
C9 OLC Z . -4.01 -3.01 -31.47
C17 OLC Z . -10.13 1.22 -36.63
C11 OLC Z . -4.33 -1.21 -33.09
C8 OLC Z . -2.62 -2.37 -31.32
C24 OLC Z . -3.46 -2.96 -19.40
C16 OLC Z . -9.64 1.23 -35.18
C12 OLC Z . -5.38 -0.68 -34.07
C7 OLC Z . -2.56 -1.58 -30.01
C15 OLC Z . -8.59 0.14 -34.96
C13 OLC Z . -6.74 -0.50 -33.39
C6 OLC Z . -1.46 -2.13 -29.10
C14 OLC Z . -7.50 0.65 -34.04
C5 OLC Z . -1.91 -1.97 -27.64
C4 OLC Z . -0.74 -1.51 -26.78
C3 OLC Z . -0.54 -2.51 -25.64
C2 OLC Z . -0.37 -1.77 -24.31
C21 OLC Z . -2.90 -1.77 -21.55
C1 OLC Z . -1.72 -1.73 -23.60
C22 OLC Z . -2.62 -1.85 -20.06
O19 OLC Z . -2.74 -1.61 -24.19
O25 OLC Z . -3.89 -2.54 -18.14
O23 OLC Z . -1.27 -2.15 -19.86
O20 OLC Z . -1.65 -1.87 -22.26
C18 OLC AA . -13.09 -1.39 -34.53
C10 OLC AA . -8.10 -8.95 -31.66
C9 OLC AA . -8.17 -10.15 -31.04
C17 OLC AA . -12.11 -2.51 -34.90
C11 OLC AA . -8.75 -8.85 -33.05
C8 OLC AA . -8.90 -11.26 -31.78
C24 OLC AA . -6.01 -22.84 -29.26
C16 OLC AA . -11.82 -3.38 -33.67
C12 OLC AA . -9.97 -7.93 -33.01
C7 OLC AA . -7.92 -12.39 -32.10
C15 OLC AA . -10.60 -4.26 -33.95
C13 OLC AA . -9.66 -6.59 -33.66
C6 OLC AA . -8.68 -13.72 -32.17
C14 OLC AA . -10.92 -5.72 -33.62
C5 OLC AA . -7.70 -14.88 -32.32
C4 OLC AA . -8.27 -16.10 -31.60
C3 OLC AA . -7.23 -17.21 -31.55
C2 OLC AA . -7.91 -18.55 -31.24
C21 OLC AA . -7.83 -21.53 -30.37
C1 OLC AA . -7.11 -19.32 -30.19
C22 OLC AA . -7.51 -22.51 -29.25
O19 OLC AA . -6.80 -18.84 -29.15
O25 OLC AA . -5.79 -23.94 -28.43
O23 OLC AA . -7.84 -21.94 -28.02
O20 OLC AA . -6.77 -20.57 -30.52
C18 OLC BA . 0.56 0.28 -38.57
C10 OLC BA . -2.27 -8.23 -37.06
C9 OLC BA . -2.49 -9.48 -36.60
C17 OLC BA . 0.11 -0.56 -37.38
C11 OLC BA . -2.94 -7.10 -36.29
C8 OLC BA . -3.37 -9.58 -35.36
C24 OLC BA . -3.45 -21.99 -31.61
C16 OLC BA . -0.88 -1.63 -37.86
C12 OLC BA . -1.89 -6.06 -35.90
C7 OLC BA . -2.84 -10.69 -34.45
C15 OLC BA . -0.47 -2.99 -37.29
C13 OLC BA . -1.42 -5.29 -37.14
C6 OLC BA . -3.63 -11.98 -34.66
C14 OLC BA . -1.72 -3.81 -36.97
C5 OLC BA . -2.66 -13.17 -34.73
C4 OLC BA . -3.26 -14.38 -34.02
C3 OLC BA . -3.11 -15.63 -34.87
C2 OLC BA . -2.28 -16.68 -34.13
C21 OLC BA . -3.43 -19.52 -31.98
C1 OLC BA . -3.20 -17.60 -33.32
C22 OLC BA . -2.62 -20.72 -31.48
O19 OLC BA . -4.32 -17.31 -33.05
O25 OLC BA . -2.84 -23.02 -30.88
O23 OLC BA . -1.44 -20.85 -32.24
O20 OLC BA . -2.65 -18.76 -32.93
C18 OLC CA . 0.05 -8.61 -40.14
C10 OLC CA . 8.18 -7.99 -35.68
C9 OLC CA . 9.10 -7.57 -34.78
C17 OLC CA . 0.65 -9.12 -38.84
C11 OLC CA . 6.77 -8.25 -35.15
C8 OLC CA . 8.62 -7.39 -33.33
C24 OLC CA . 17.73 -7.33 -23.49
C16 OLC CA . 1.25 -7.95 -38.05
C12 OLC CA . 5.85 -8.62 -36.31
C7 OLC CA . 9.63 -6.54 -32.56
C15 OLC CA . 2.09 -8.47 -36.89
C13 OLC CA . 4.39 -8.56 -35.89
C6 OLC CA . 9.93 -7.18 -31.21
C14 OLC CA . 3.53 -8.00 -37.04
C5 OLC CA . 11.22 -6.62 -30.59
C4 OLC CA . 11.72 -7.63 -29.54
C3 OLC CA . 12.72 -6.99 -28.58
C2 OLC CA . 13.19 -8.04 -27.57
C21 OLC CA . 15.62 -7.62 -24.80
C1 OLC CA . 13.91 -7.38 -26.39
C22 OLC CA . 17.06 -8.11 -24.63
O19 OLC CA . 13.38 -6.58 -25.69
O25 OLC CA . 18.33 -8.23 -22.60
O23 OLC CA . 17.07 -9.47 -24.30
O20 OLC CA . 15.17 -7.78 -26.17
C18 OLC DA . 1.74 -16.30 -35.48
C10 OLC DA . 2.83 -9.22 -30.62
C9 OLC DA . 3.55 -8.48 -29.75
C17 OLC DA . 1.98 -15.07 -36.36
C11 OLC DA . 3.58 -9.78 -31.83
C8 OLC DA . 5.04 -8.27 -30.06
C24 OLC DA . 14.68 -7.33 -21.40
C16 OLC DA . 1.18 -13.87 -35.83
C12 OLC DA . 2.62 -10.01 -33.00
C7 OLC DA . 5.58 -7.09 -29.24
C15 OLC DA . 1.83 -13.35 -34.55
C13 OLC DA . 2.06 -11.43 -32.96
C6 OLC DA . 6.95 -7.45 -28.64
C14 OLC DA . 1.56 -11.86 -34.36
C5 OLC DA . 7.41 -6.41 -27.60
C4 OLC DA . 8.60 -6.97 -26.82
C3 OLC DA . 9.08 -6.04 -25.72
C2 OLC DA . 10.21 -6.73 -24.95
C21 OLC DA . 12.78 -6.13 -22.52
C1 OLC DA . 10.84 -5.84 -23.88
C22 OLC DA . 13.24 -6.86 -21.26
O19 OLC DA . 10.81 -4.65 -23.92
O25 OLC DA . 15.35 -7.23 -20.16
O23 OLC DA . 13.15 -6.00 -20.15
O20 OLC DA . 11.43 -6.52 -22.86
C18 OLC EA . -11.11 33.29 -6.81
C10 OLC EA . -13.89 26.81 -1.23
C9 OLC EA . -14.36 25.64 -0.75
C17 OLC EA . -10.41 32.30 -5.90
C11 OLC EA . -14.06 27.05 -2.73
C8 OLC EA . -14.99 24.68 -1.76
C24 OLC EA . -5.98 17.09 -1.32
C16 OLC EA . -11.42 31.42 -5.18
C12 OLC EA . -13.55 28.45 -3.11
C7 OLC EA . -14.20 23.38 -1.82
C15 OLC EA . -11.30 29.98 -5.64
C13 OLC EA . -12.96 28.45 -4.52
C6 OLC EA . -14.09 22.76 -0.43
C14 OLC EA . -11.55 29.02 -4.47
C5 OLC EA . -13.70 21.28 -0.53
C4 OLC EA . -12.31 21.14 -1.15
C3 OLC EA . -11.80 19.71 -1.02
C2 OLC EA . -10.30 19.68 -1.30
C21 OLC EA . -8.39 16.65 -0.83
C1 OLC EA . -9.86 18.25 -1.64
C22 OLC EA . -7.10 16.06 -1.40
O19 OLC EA . -10.58 17.45 -2.11
O25 OLC EA . -4.95 16.56 -0.55
O23 OLC EA . -6.73 14.93 -0.67
O20 OLC EA . -8.57 17.98 -1.35
C18 OLC FA . -15.96 15.35 -16.21
C10 OLC FA . -8.86 16.51 -10.40
C9 OLC FA . -8.38 15.78 -9.37
C17 OLC FA . -15.07 16.38 -15.52
C11 OLC FA . -9.64 15.74 -11.45
C8 OLC FA . -8.68 14.29 -9.40
C24 OLC FA . -5.46 9.33 1.24
C16 OLC FA . -13.92 15.67 -14.81
C12 OLC FA . -9.41 16.40 -12.81
C7 OLC FA . -8.47 13.72 -7.99
C15 OLC FA . -12.97 16.70 -14.21
C13 OLC FA . -10.68 17.10 -13.28
C6 OLC FA . -7.28 12.76 -7.99
C14 OLC FA . -11.62 16.07 -13.90
C5 OLC FA . -7.66 11.50 -7.22
C4 OLC FA . -7.54 11.76 -5.72
C3 OLC FA . -6.69 10.63 -5.11
C2 OLC FA . -6.39 10.95 -3.66
C21 OLC FA . -7.23 9.47 -0.50
C1 OLC FA . -7.23 10.04 -2.77
C22 OLC FA . -6.67 10.11 0.76
O19 OLC FA . -7.69 9.02 -3.16
O25 OLC FA . -5.67 7.96 1.05
O23 OLC FA . -6.30 11.44 0.47
O20 OLC FA . -7.40 10.48 -1.52
#